data_2BYP
#
_entry.id   2BYP
#
_cell.length_a   130.284
_cell.length_b   140.036
_cell.length_c   153.386
_cell.angle_alpha   90.00
_cell.angle_beta   90.00
_cell.angle_gamma   90.00
#
_symmetry.space_group_name_H-M   'I 2 2 2'
#
loop_
_entity.id
_entity.type
_entity.pdbx_description
1 polymer 'SOLUBLE ACETYLCHOLINE RECEPTOR'
2 polymer 'ALPHA-CONOTOXIN IMI'
3 non-polymer 2-acetamido-2-deoxy-beta-D-glucopyranose
4 water water
#
loop_
_entity_poly.entity_id
_entity_poly.type
_entity_poly.pdbx_seq_one_letter_code
_entity_poly.pdbx_strand_id
1 'polypeptide(L)'
;DDDDKLHSQANLMRLKSDLFNRSPMYPGPTKDDPLTVTLGFTLQDIVKADSSTNEVDLVYYEQQRWKLNSLMWDPNEYGN
ITDFRTSAADIWTPDITAYSSTRPVQVLSPQIAVVTHDGSVMFIPAQRLSFMCDPTGVDSEEGATCAVKFGSWVYSGFEI
DLKTDTDQVDLSSYYASSKYEILSATQTRQVQHYSCCPEPYIDVNLVVKFRERR
;
A,B,C,D,E
2 'polypeptide(L)' GCCSDPRCAWR(CY3) F,G,H,I,J
#
# COMPACT_ATOMS: atom_id res chain seq x y z
N ASP A 2 36.17 22.26 -8.65
CA ASP A 2 35.72 20.94 -8.11
C ASP A 2 35.86 20.85 -6.60
N ASP A 3 37.01 21.30 -6.08
CA ASP A 3 37.30 21.29 -4.64
C ASP A 3 36.29 22.08 -3.81
N ASP A 4 35.81 23.19 -4.34
CA ASP A 4 34.85 24.08 -3.63
C ASP A 4 33.40 23.57 -3.66
N LYS A 5 33.07 22.78 -4.69
CA LYS A 5 31.78 22.08 -4.75
C LYS A 5 31.79 20.85 -3.84
N LEU A 6 32.97 20.25 -3.68
CA LEU A 6 33.16 19.05 -2.86
C LEU A 6 33.10 19.41 -1.36
N HIS A 7 33.71 20.55 -1.01
CA HIS A 7 33.61 21.10 0.36
C HIS A 7 32.19 21.57 0.65
N SER A 8 31.49 22.13 -0.34
CA SER A 8 30.10 22.57 -0.15
C SER A 8 29.18 21.37 0.16
N GLN A 9 29.39 20.26 -0.55
CA GLN A 9 28.69 19.01 -0.26
C GLN A 9 29.03 18.49 1.14
N ALA A 10 30.32 18.50 1.47
CA ALA A 10 30.77 18.07 2.79
C ALA A 10 30.18 18.93 3.91
N ASN A 11 30.03 20.22 3.66
CA ASN A 11 29.44 21.16 4.64
C ASN A 11 27.95 20.92 4.90
N LEU A 12 27.23 20.55 3.85
CA LEU A 12 25.79 20.21 3.95
C LEU A 12 25.57 18.84 4.62
N MET A 13 26.31 17.84 4.14
CA MET A 13 26.32 16.50 4.76
C MET A 13 26.61 16.61 6.27
N ARG A 14 27.51 17.53 6.65
CA ARG A 14 27.91 17.74 8.06
C ARG A 14 26.86 18.47 8.91
N LEU A 15 26.22 19.48 8.33
CA LEU A 15 25.08 20.16 8.95
C LEU A 15 23.94 19.20 9.30
N LYS A 16 23.55 18.38 8.33
CA LYS A 16 22.41 17.48 8.49
C LYS A 16 22.69 16.42 9.51
N SER A 17 23.92 15.90 9.49
CA SER A 17 24.38 14.92 10.49
C SER A 17 24.33 15.47 11.92
N ASP A 18 24.87 16.68 12.11
CA ASP A 18 24.87 17.35 13.42
C ASP A 18 23.47 17.66 13.93
N LEU A 19 22.62 18.15 13.05
CA LEU A 19 21.26 18.50 13.40
C LEU A 19 20.44 17.27 13.78
N PHE A 20 20.63 16.18 13.04
CA PHE A 20 19.75 15.00 13.13
C PHE A 20 20.20 13.90 14.09
N ASN A 21 21.29 13.19 13.74
CA ASN A 21 21.74 12.03 14.54
C ASN A 21 22.51 12.42 15.80
N ARG A 22 22.40 13.67 16.24
CA ARG A 22 22.92 14.10 17.53
C ARG A 22 21.85 14.91 18.27
N TYR A 26 13.48 15.57 19.08
CA TYR A 26 12.44 16.52 19.49
C TYR A 26 11.15 15.76 19.75
N PRO A 27 10.73 15.70 21.02
CA PRO A 27 9.62 14.83 21.40
C PRO A 27 8.23 15.32 21.02
N GLY A 28 8.12 16.45 20.31
CA GLY A 28 6.84 17.10 20.10
C GLY A 28 6.62 18.20 21.11
N PRO A 29 5.62 19.06 20.89
CA PRO A 29 5.33 20.16 21.83
C PRO A 29 4.68 19.70 23.14
N THR A 30 4.78 20.59 24.14
CA THR A 30 4.12 20.43 25.42
C THR A 30 3.60 21.80 25.84
N LYS A 31 2.90 21.86 26.97
CA LYS A 31 2.40 23.14 27.49
C LYS A 31 3.54 24.02 27.98
N ASP A 32 4.67 23.40 28.33
CA ASP A 32 5.87 24.14 28.73
C ASP A 32 6.72 24.58 27.56
N ASP A 33 6.63 23.85 26.44
CA ASP A 33 7.34 24.17 25.21
C ASP A 33 6.37 24.12 24.01
N PRO A 34 5.43 25.09 23.94
CA PRO A 34 4.39 25.11 22.93
C PRO A 34 4.86 25.47 21.51
N LEU A 35 4.09 25.08 20.50
CA LEU A 35 4.46 25.33 19.11
C LEU A 35 3.32 26.02 18.35
N THR A 36 3.65 27.02 17.54
CA THR A 36 2.69 27.61 16.61
C THR A 36 2.90 27.02 15.22
N VAL A 37 1.80 26.57 14.61
CA VAL A 37 1.81 26.03 13.27
C VAL A 37 0.87 26.92 12.44
N THR A 38 1.40 27.42 11.34
CA THR A 38 0.65 28.27 10.44
C THR A 38 0.27 27.48 9.20
N LEU A 39 -1.02 27.47 8.90
CA LEU A 39 -1.57 26.83 7.71
C LEU A 39 -2.05 27.81 6.64
N GLY A 40 -1.87 27.40 5.40
CA GLY A 40 -2.41 28.08 4.23
C GLY A 40 -2.79 27.08 3.16
N PHE A 41 -3.92 27.30 2.48
CA PHE A 41 -4.39 26.43 1.40
C PHE A 41 -4.33 27.15 0.06
N THR A 42 -3.86 26.40 -0.94
CA THR A 42 -3.90 26.79 -2.36
C THR A 42 -4.84 25.77 -2.99
N LEU A 43 -6.10 26.17 -3.21
CA LEU A 43 -7.11 25.27 -3.79
C LEU A 43 -6.90 25.18 -5.31
N GLN A 44 -6.68 23.97 -5.83
CA GLN A 44 -6.48 23.77 -7.26
C GLN A 44 -7.71 23.32 -7.98
N ASP A 45 -8.57 22.50 -7.36
CA ASP A 45 -9.75 21.95 -8.05
C ASP A 45 -10.72 21.32 -7.05
N ILE A 46 -12.00 21.54 -7.30
CA ILE A 46 -13.06 20.69 -6.81
C ILE A 46 -13.29 19.67 -7.94
N VAL A 47 -12.84 18.43 -7.70
CA VAL A 47 -12.81 17.44 -8.74
C VAL A 47 -14.19 16.73 -8.89
N LYS A 48 -14.87 16.48 -7.78
CA LYS A 48 -16.09 15.71 -7.78
C LYS A 48 -17.03 16.18 -6.66
N ALA A 49 -18.32 16.24 -6.98
CA ALA A 49 -19.33 16.46 -5.94
C ALA A 49 -20.39 15.39 -6.09
N ASP A 50 -20.57 14.58 -5.06
CA ASP A 50 -21.41 13.37 -5.14
C ASP A 50 -22.63 13.59 -4.26
N SER A 51 -23.76 13.88 -4.91
CA SER A 51 -25.04 14.08 -4.24
C SER A 51 -25.74 12.77 -3.89
N SER A 52 -25.22 11.61 -4.33
CA SER A 52 -25.77 10.33 -3.83
C SER A 52 -25.25 9.99 -2.42
N THR A 53 -24.05 10.47 -2.06
CA THR A 53 -23.43 10.18 -0.77
C THR A 53 -23.08 11.40 0.07
N ASN A 54 -23.29 12.59 -0.49
CA ASN A 54 -22.80 13.83 0.11
C ASN A 54 -21.31 13.76 0.51
N GLU A 55 -20.49 13.49 -0.51
CA GLU A 55 -19.04 13.59 -0.45
C GLU A 55 -18.56 14.50 -1.58
N VAL A 56 -17.70 15.44 -1.24
CA VAL A 56 -17.04 16.32 -2.23
C VAL A 56 -15.51 16.09 -2.16
N ASP A 57 -14.86 16.05 -3.33
CA ASP A 57 -13.42 15.83 -3.43
C ASP A 57 -12.69 17.13 -3.84
N LEU A 58 -11.72 17.53 -3.02
CA LEU A 58 -10.85 18.65 -3.32
C LEU A 58 -9.41 18.22 -3.59
N VAL A 59 -8.72 18.98 -4.46
CA VAL A 59 -7.28 18.92 -4.64
C VAL A 59 -6.67 20.28 -4.24
N TYR A 60 -5.70 20.21 -3.33
CA TYR A 60 -5.06 21.41 -2.80
C TYR A 60 -3.59 21.18 -2.38
N TYR A 61 -2.85 22.28 -2.30
CA TYR A 61 -1.54 22.33 -1.60
C TYR A 61 -1.82 22.91 -0.24
N GLU A 62 -1.34 22.21 0.78
CA GLU A 62 -1.43 22.67 2.16
C GLU A 62 -0.06 23.14 2.66
N GLN A 63 0.15 24.44 2.77
CA GLN A 63 1.39 24.96 3.34
C GLN A 63 1.34 24.93 4.87
N GLN A 64 2.32 24.23 5.46
CA GLN A 64 2.54 24.16 6.90
C GLN A 64 3.89 24.78 7.28
N ARG A 65 3.86 25.71 8.23
CA ARG A 65 5.08 26.37 8.73
C ARG A 65 5.15 26.34 10.24
N TRP A 66 6.33 26.02 10.76
CA TRP A 66 6.61 26.13 12.19
C TRP A 66 8.10 26.34 12.40
N LYS A 67 8.48 26.63 13.64
CA LYS A 67 9.84 27.01 13.97
C LYS A 67 10.30 26.29 15.23
N LEU A 68 11.47 25.64 15.16
CA LEU A 68 12.03 24.90 16.30
C LEU A 68 13.40 25.43 16.61
N ASN A 69 13.67 25.70 17.88
CA ASN A 69 15.00 26.08 18.29
C ASN A 69 16.06 25.01 18.03
N SER A 70 15.67 23.74 18.18
CA SER A 70 16.59 22.63 17.94
C SER A 70 17.04 22.48 16.48
N LEU A 71 16.42 23.23 15.56
CA LEU A 71 16.82 23.22 14.14
C LEU A 71 17.65 24.45 13.73
N MET A 72 17.99 25.32 14.69
CA MET A 72 18.79 26.51 14.41
C MET A 72 20.28 26.17 14.22
N TRP A 73 20.94 26.93 13.35
CA TRP A 73 22.41 26.89 13.23
C TRP A 73 22.93 28.23 12.76
N ASP A 74 24.21 28.48 13.02
CA ASP A 74 24.91 29.65 12.52
C ASP A 74 25.50 29.29 11.15
N PRO A 75 25.13 30.03 10.09
CA PRO A 75 25.71 29.75 8.77
C PRO A 75 27.24 29.80 8.74
N ASN A 76 27.83 30.62 9.60
CA ASN A 76 29.28 30.76 9.65
C ASN A 76 29.99 29.47 10.06
N GLU A 77 29.29 28.63 10.82
CA GLU A 77 29.85 27.33 11.21
C GLU A 77 29.81 26.29 10.11
N TYR A 78 28.96 26.51 9.10
CA TYR A 78 28.68 25.51 8.07
C TYR A 78 28.75 26.05 6.64
N GLY A 79 29.81 26.78 6.33
CA GLY A 79 30.06 27.26 4.98
C GLY A 79 29.07 28.28 4.43
N ASN A 80 28.50 29.10 5.32
CA ASN A 80 27.37 30.01 5.00
C ASN A 80 26.16 29.34 4.37
N ILE A 81 25.87 28.11 4.78
CA ILE A 81 24.60 27.48 4.38
C ILE A 81 23.50 28.20 5.16
N THR A 82 22.49 28.69 4.44
CA THR A 82 21.35 29.40 5.06
C THR A 82 20.06 28.59 5.06
N ASP A 83 20.04 27.53 4.25
CA ASP A 83 18.84 26.71 4.12
C ASP A 83 19.17 25.37 3.46
N PHE A 84 18.34 24.38 3.72
CA PHE A 84 18.46 23.10 3.06
C PHE A 84 17.12 22.35 2.94
N ARG A 85 17.14 21.35 2.08
CA ARG A 85 15.98 20.51 1.84
C ARG A 85 16.25 19.12 2.34
N THR A 86 15.23 18.49 2.91
CA THR A 86 15.38 17.13 3.37
C THR A 86 14.03 16.42 3.41
N SER A 87 14.10 15.10 3.36
CA SER A 87 12.93 14.26 3.45
C SER A 87 12.16 14.59 4.74
N ALA A 88 10.84 14.68 4.64
CA ALA A 88 10.01 14.96 5.81
C ALA A 88 10.14 13.94 6.94
N ALA A 89 10.54 12.71 6.62
CA ALA A 89 10.80 11.64 7.57
C ALA A 89 11.99 11.90 8.49
N ASP A 90 12.88 12.80 8.10
CA ASP A 90 14.06 13.13 8.87
C ASP A 90 13.80 14.09 10.02
N ILE A 91 12.61 14.70 10.06
CA ILE A 91 12.24 15.69 11.07
C ILE A 91 10.86 15.41 11.67
N TRP A 92 10.58 16.01 12.84
CA TRP A 92 9.21 16.05 13.39
C TRP A 92 8.29 16.87 12.45
N THR A 93 7.08 16.38 12.20
CA THR A 93 6.05 17.15 11.47
C THR A 93 4.74 17.10 12.26
N PRO A 94 3.89 18.16 12.14
CA PRO A 94 2.64 18.17 12.94
C PRO A 94 1.52 17.20 12.49
N ASP A 95 0.64 16.85 13.43
CA ASP A 95 -0.51 15.93 13.19
C ASP A 95 -1.80 16.62 12.72
N ILE A 96 -1.68 17.50 11.73
CA ILE A 96 -2.80 18.33 11.24
C ILE A 96 -3.69 17.46 10.38
N THR A 97 -4.97 17.38 10.76
CA THR A 97 -5.92 16.42 10.19
C THR A 97 -7.25 17.10 9.83
N ALA A 98 -7.85 16.67 8.71
CA ALA A 98 -9.22 17.07 8.39
C ALA A 98 -10.21 16.21 9.17
N TYR A 99 -11.18 16.86 9.82
CA TYR A 99 -11.96 16.16 10.83
C TYR A 99 -13.17 15.38 10.29
N SER A 100 -13.57 15.69 9.06
CA SER A 100 -14.78 15.12 8.50
C SER A 100 -14.50 14.49 7.14
N SER A 101 -13.28 13.99 6.96
CA SER A 101 -12.92 13.19 5.80
C SER A 101 -13.72 11.86 5.78
N THR A 102 -13.92 11.32 4.59
CA THR A 102 -14.65 10.06 4.40
C THR A 102 -13.81 8.95 3.78
N ARG A 103 -12.58 9.30 3.36
CA ARG A 103 -11.56 8.34 2.91
C ARG A 103 -10.15 8.81 3.35
N PRO A 104 -9.15 7.89 3.42
CA PRO A 104 -7.80 8.39 3.72
C PRO A 104 -7.34 9.48 2.71
N VAL A 105 -6.72 10.52 3.21
CA VAL A 105 -6.19 11.57 2.33
C VAL A 105 -5.11 10.95 1.42
N GLN A 106 -5.05 11.35 0.15
CA GLN A 106 -4.06 10.82 -0.80
C GLN A 106 -3.03 11.91 -1.07
N VAL A 107 -1.74 11.56 -0.96
CA VAL A 107 -0.68 12.55 -1.12
C VAL A 107 -0.19 12.49 -2.56
N LEU A 108 -0.02 13.66 -3.15
CA LEU A 108 0.22 13.81 -4.58
C LEU A 108 1.64 14.33 -4.88
N SER A 109 2.41 14.67 -3.85
CA SER A 109 3.70 15.34 -4.01
C SER A 109 4.78 14.63 -3.20
N PRO A 110 6.07 14.86 -3.56
CA PRO A 110 7.20 14.42 -2.74
C PRO A 110 7.15 14.96 -1.32
N GLN A 111 7.47 14.15 -0.33
CA GLN A 111 7.37 14.56 1.06
C GLN A 111 8.73 15.05 1.50
N ILE A 112 9.01 16.31 1.13
CA ILE A 112 10.28 16.97 1.31
C ILE A 112 9.98 18.36 1.86
N ALA A 113 10.69 18.73 2.92
CA ALA A 113 10.59 20.04 3.56
C ALA A 113 11.86 20.89 3.35
N VAL A 114 11.72 22.18 3.62
CA VAL A 114 12.80 23.14 3.56
C VAL A 114 12.98 23.69 4.94
N VAL A 115 14.22 23.66 5.42
CA VAL A 115 14.62 24.22 6.71
C VAL A 115 15.55 25.43 6.47
N THR A 116 15.29 26.54 7.17
CA THR A 116 16.17 27.73 7.17
C THR A 116 16.94 27.80 8.50
N HIS A 117 18.06 28.53 8.50
CA HIS A 117 19.01 28.53 9.61
C HIS A 117 18.41 29.02 10.94
N ASP A 118 17.26 29.69 10.87
CA ASP A 118 16.59 30.21 12.07
C ASP A 118 15.65 29.18 12.70
N GLY A 119 15.62 27.97 12.14
CA GLY A 119 14.83 26.89 12.69
C GLY A 119 13.45 26.75 12.05
N SER A 120 13.14 27.63 11.10
CA SER A 120 11.84 27.58 10.42
C SER A 120 11.77 26.44 9.41
N VAL A 121 10.65 25.72 9.44
CA VAL A 121 10.36 24.64 8.52
C VAL A 121 9.14 25.02 7.67
N MET A 122 9.23 24.80 6.36
CA MET A 122 8.06 24.87 5.51
C MET A 122 7.87 23.52 4.85
N PHE A 123 6.66 22.99 4.98
CA PHE A 123 6.31 21.70 4.41
C PHE A 123 4.98 21.83 3.68
N ILE A 124 4.96 21.44 2.39
CA ILE A 124 3.81 21.67 1.55
C ILE A 124 3.35 20.37 0.87
N PRO A 125 2.63 19.51 1.61
CA PRO A 125 2.01 18.36 0.93
C PRO A 125 0.81 18.73 0.01
N ALA A 126 0.90 18.32 -1.25
CA ALA A 126 -0.22 18.30 -2.16
C ALA A 126 -1.11 17.09 -1.87
N GLN A 127 -2.44 17.32 -1.77
CA GLN A 127 -3.44 16.32 -1.34
C GLN A 127 -4.77 16.27 -2.14
N ARG A 128 -5.31 15.05 -2.30
CA ARG A 128 -6.71 14.84 -2.65
C ARG A 128 -7.48 14.40 -1.40
N LEU A 129 -8.53 15.14 -1.06
CA LEU A 129 -9.38 14.90 0.12
C LEU A 129 -10.84 14.66 -0.26
N SER A 130 -11.43 13.55 0.17
CA SER A 130 -12.90 13.38 0.19
C SER A 130 -13.42 13.73 1.59
N PHE A 131 -14.41 14.64 1.64
CA PHE A 131 -15.00 15.06 2.90
C PHE A 131 -16.54 15.18 2.79
N MET A 132 -17.17 15.27 3.96
CA MET A 132 -18.62 15.30 4.09
C MET A 132 -19.13 16.66 3.67
N CYS A 133 -19.98 16.66 2.62
CA CYS A 133 -20.51 17.87 2.02
C CYS A 133 -21.76 17.56 1.17
N ASP A 134 -22.84 18.28 1.44
CA ASP A 134 -24.07 18.23 0.64
C ASP A 134 -24.00 19.30 -0.46
N PRO A 135 -23.85 18.85 -1.71
CA PRO A 135 -23.74 19.83 -2.78
C PRO A 135 -25.07 20.38 -3.30
N THR A 136 -26.17 20.22 -2.56
CA THR A 136 -27.46 20.74 -3.02
C THR A 136 -27.38 22.24 -3.27
N GLY A 137 -27.87 22.67 -4.42
CA GLY A 137 -27.86 24.09 -4.78
C GLY A 137 -26.66 24.45 -5.61
N VAL A 138 -25.84 23.45 -5.94
CA VAL A 138 -24.63 23.71 -6.73
C VAL A 138 -24.97 24.22 -8.13
N ASP A 139 -26.10 23.80 -8.67
CA ASP A 139 -26.58 24.29 -9.96
C ASP A 139 -27.37 25.64 -9.92
N SER A 140 -27.31 26.39 -8.81
CA SER A 140 -28.02 27.67 -8.69
C SER A 140 -27.04 28.83 -8.70
N GLU A 141 -27.58 30.05 -8.76
CA GLU A 141 -26.77 31.27 -8.69
C GLU A 141 -26.01 31.39 -7.38
N GLU A 142 -26.63 31.03 -6.28
CA GLU A 142 -25.96 31.13 -4.97
C GLU A 142 -25.02 29.98 -4.65
N GLY A 143 -25.16 28.87 -5.37
CA GLY A 143 -24.27 27.73 -5.26
C GLY A 143 -24.44 26.90 -3.99
N ALA A 144 -23.46 26.04 -3.74
CA ALA A 144 -23.39 25.21 -2.54
C ALA A 144 -22.31 25.76 -1.63
N THR A 145 -22.44 25.48 -0.34
CA THR A 145 -21.41 25.83 0.60
C THR A 145 -21.04 24.58 1.35
N CYS A 146 -19.74 24.29 1.45
CA CYS A 146 -19.29 23.30 2.42
C CYS A 146 -18.14 23.80 3.26
N ALA A 147 -17.88 23.04 4.33
CA ALA A 147 -16.90 23.39 5.31
C ALA A 147 -16.20 22.14 5.83
N VAL A 148 -14.89 22.26 6.01
CA VAL A 148 -14.11 21.23 6.68
C VAL A 148 -13.13 21.87 7.69
N LYS A 149 -13.07 21.27 8.87
CA LYS A 149 -12.28 21.72 9.99
C LYS A 149 -10.98 20.92 9.98
N PHE A 150 -9.87 21.65 10.15
CA PHE A 150 -8.54 21.10 10.31
C PHE A 150 -8.03 21.43 11.70
N GLY A 151 -7.41 20.45 12.33
CA GLY A 151 -6.75 20.67 13.61
C GLY A 151 -5.86 19.52 13.97
N SER A 152 -5.15 19.65 15.07
CA SER A 152 -4.38 18.54 15.63
C SER A 152 -5.30 17.37 16.08
N TRP A 153 -4.78 16.15 16.11
CA TRP A 153 -5.55 15.04 16.65
C TRP A 153 -5.46 14.89 18.16
N VAL A 154 -4.30 15.24 18.71
CA VAL A 154 -4.03 15.03 20.16
C VAL A 154 -3.65 16.28 20.97
N TYR A 155 -3.36 17.40 20.32
CA TYR A 155 -2.83 18.56 21.07
C TYR A 155 -3.84 19.69 21.25
N SER A 156 -3.96 20.22 22.47
CA SER A 156 -4.76 21.43 22.67
C SER A 156 -3.99 22.68 22.21
N GLY A 157 -4.67 23.82 22.29
CA GLY A 157 -4.11 25.09 21.93
C GLY A 157 -3.04 25.59 22.89
N PHE A 158 -2.85 24.91 24.02
CA PHE A 158 -1.71 25.16 24.90
C PHE A 158 -0.46 24.45 24.41
N GLU A 159 -0.63 23.51 23.46
CA GLU A 159 0.47 22.69 22.96
C GLU A 159 0.77 23.01 21.50
N ILE A 160 -0.25 22.95 20.64
CA ILE A 160 -0.13 23.49 19.29
C ILE A 160 -1.14 24.61 19.11
N ASP A 161 -0.64 25.83 18.89
CA ASP A 161 -1.52 26.94 18.51
C ASP A 161 -1.56 26.99 16.98
N LEU A 162 -2.77 27.05 16.42
CA LEU A 162 -2.88 27.08 14.97
C LEU A 162 -3.24 28.45 14.49
N LYS A 163 -2.60 28.87 13.40
CA LYS A 163 -2.88 30.15 12.76
C LYS A 163 -2.96 29.98 11.26
N THR A 164 -3.57 30.95 10.57
N THR A 164 -3.58 30.98 10.63
CA THR A 164 -3.74 30.83 9.10
CA THR A 164 -3.38 31.31 9.22
C THR A 164 -2.94 31.88 8.36
C THR A 164 -2.85 32.74 9.18
N ASP A 165 -2.55 31.56 7.12
N ASP A 165 -2.05 33.07 8.17
CA ASP A 165 -1.83 32.51 6.27
CA ASP A 165 -1.53 34.43 8.04
C ASP A 165 -2.81 33.48 5.55
C ASP A 165 -2.55 35.34 7.38
N THR A 166 -3.30 34.48 6.29
N THR A 166 -3.44 34.72 6.61
CA THR A 166 -4.50 35.29 5.92
CA THR A 166 -4.56 35.41 5.96
C THR A 166 -5.77 34.42 5.94
C THR A 166 -5.76 34.47 5.94
N ASP A 167 -6.95 35.04 5.94
CA ASP A 167 -8.20 34.29 5.96
C ASP A 167 -8.73 33.96 4.58
N GLN A 168 -8.02 34.42 3.54
CA GLN A 168 -8.39 34.17 2.14
C GLN A 168 -7.58 32.99 1.58
N VAL A 169 -8.28 31.97 1.13
CA VAL A 169 -7.65 30.82 0.49
C VAL A 169 -6.98 31.33 -0.78
N ASP A 170 -5.82 30.79 -1.09
CA ASP A 170 -5.13 31.18 -2.32
C ASP A 170 -5.81 30.50 -3.52
N LEU A 171 -6.46 31.30 -4.37
CA LEU A 171 -7.12 30.80 -5.58
C LEU A 171 -6.36 31.05 -6.89
N SER A 172 -5.12 31.54 -6.80
CA SER A 172 -4.35 31.89 -7.98
C SER A 172 -3.98 30.71 -8.88
N SER A 173 -3.99 29.48 -8.36
CA SER A 173 -3.74 28.29 -9.19
C SER A 173 -5.01 27.45 -9.43
N TYR A 174 -6.20 27.99 -9.15
CA TYR A 174 -7.43 27.21 -9.32
C TYR A 174 -7.64 26.88 -10.80
N TYR A 175 -7.89 25.61 -11.10
CA TYR A 175 -7.98 25.14 -12.47
C TYR A 175 -9.09 25.90 -13.25
N ALA A 176 -8.70 26.61 -14.31
CA ALA A 176 -9.59 27.47 -15.08
C ALA A 176 -10.72 26.74 -15.83
N SER A 177 -10.58 25.42 -16.05
CA SER A 177 -11.62 24.66 -16.72
C SER A 177 -12.21 23.62 -15.80
N SER A 178 -12.19 23.87 -14.48
CA SER A 178 -12.93 23.03 -13.53
C SER A 178 -14.43 22.96 -13.84
N LYS A 179 -15.08 21.85 -13.45
CA LYS A 179 -16.53 21.76 -13.57
C LYS A 179 -17.25 22.77 -12.66
N TYR A 180 -16.52 23.32 -11.67
CA TYR A 180 -17.07 24.21 -10.63
C TYR A 180 -16.30 25.51 -10.53
N GLU A 181 -16.99 26.63 -10.46
CA GLU A 181 -16.35 27.90 -10.18
C GLU A 181 -16.45 28.28 -8.69
N ILE A 182 -15.42 28.93 -8.17
CA ILE A 182 -15.36 29.30 -6.74
C ILE A 182 -15.97 30.70 -6.54
N LEU A 183 -17.03 30.77 -5.73
CA LEU A 183 -17.64 32.03 -5.36
C LEU A 183 -16.83 32.68 -4.24
N SER A 184 -16.45 31.87 -3.24
CA SER A 184 -15.51 32.27 -2.22
C SER A 184 -14.88 31.06 -1.53
N ALA A 185 -13.75 31.33 -0.88
CA ALA A 185 -12.98 30.34 -0.17
C ALA A 185 -12.18 31.02 0.95
N THR A 186 -12.50 30.65 2.19
CA THR A 186 -11.87 31.22 3.37
C THR A 186 -11.26 30.15 4.27
N GLN A 187 -10.21 30.54 5.00
CA GLN A 187 -9.49 29.68 5.92
C GLN A 187 -9.31 30.44 7.27
N THR A 188 -10.12 30.07 8.27
CA THR A 188 -10.33 30.93 9.46
C THR A 188 -10.04 30.17 10.74
N ARG A 189 -9.21 30.78 11.58
CA ARG A 189 -8.86 30.21 12.89
C ARG A 189 -10.05 30.38 13.83
N GLN A 190 -10.38 29.33 14.55
CA GLN A 190 -11.51 29.34 15.49
C GLN A 190 -11.08 28.77 16.82
N VAL A 191 -11.31 29.50 17.92
CA VAL A 191 -11.05 29.02 19.26
C VAL A 191 -12.33 28.45 19.88
N GLN A 192 -12.26 27.22 20.34
CA GLN A 192 -13.38 26.58 21.01
C GLN A 192 -12.96 26.26 22.44
N HIS A 193 -13.90 26.43 23.38
CA HIS A 193 -13.76 25.92 24.73
C HIS A 193 -14.93 25.00 25.02
N TYR A 194 -14.68 23.99 25.84
CA TYR A 194 -15.72 23.10 26.32
C TYR A 194 -16.04 23.48 27.76
N SER A 195 -17.32 23.34 28.14
CA SER A 195 -17.82 23.82 29.42
C SER A 195 -17.00 23.31 30.59
N CYS A 196 -16.61 22.04 30.52
CA CYS A 196 -15.80 21.37 31.52
C CYS A 196 -14.46 22.05 31.78
N CYS A 197 -13.86 22.60 30.74
CA CYS A 197 -12.42 22.70 30.70
C CYS A 197 -11.87 24.09 30.32
N PRO A 198 -10.77 24.53 30.98
CA PRO A 198 -10.10 25.79 30.66
C PRO A 198 -9.32 25.86 29.33
N GLU A 199 -8.75 24.76 28.84
CA GLU A 199 -7.88 24.79 27.63
C GLU A 199 -8.63 25.26 26.39
N PRO A 200 -7.96 26.04 25.54
CA PRO A 200 -8.51 26.33 24.21
C PRO A 200 -8.30 25.14 23.28
N TYR A 201 -9.23 24.91 22.37
CA TYR A 201 -9.04 23.97 21.29
C TYR A 201 -9.14 24.75 19.96
N ILE A 202 -8.08 24.70 19.15
CA ILE A 202 -7.97 25.55 17.97
C ILE A 202 -8.24 24.82 16.66
N ASP A 203 -9.24 25.28 15.91
CA ASP A 203 -9.52 24.75 14.57
C ASP A 203 -9.18 25.76 13.50
N VAL A 204 -8.85 25.26 12.30
CA VAL A 204 -8.89 26.07 11.07
C VAL A 204 -10.04 25.60 10.18
N ASN A 205 -10.99 26.50 9.92
CA ASN A 205 -12.19 26.16 9.17
C ASN A 205 -12.02 26.61 7.73
N LEU A 206 -12.00 25.65 6.83
CA LEU A 206 -11.92 25.89 5.38
C LEU A 206 -13.35 25.93 4.81
N VAL A 207 -13.81 27.09 4.35
CA VAL A 207 -15.19 27.20 3.90
C VAL A 207 -15.19 27.62 2.42
N VAL A 208 -15.83 26.77 1.59
CA VAL A 208 -15.83 26.97 0.13
C VAL A 208 -17.27 27.05 -0.40
N LYS A 209 -17.56 28.16 -1.08
CA LYS A 209 -18.82 28.39 -1.77
C LYS A 209 -18.54 28.29 -3.28
N PHE A 210 -19.30 27.46 -3.96
CA PHE A 210 -19.01 27.07 -5.33
C PHE A 210 -20.30 26.73 -6.05
N ARG A 211 -20.23 26.82 -7.38
CA ARG A 211 -21.35 26.43 -8.26
C ARG A 211 -20.87 25.88 -9.59
N GLU A 212 -21.78 25.22 -10.30
CA GLU A 212 -21.49 24.66 -11.60
C GLU A 212 -21.17 25.80 -12.56
N ARG A 213 -20.10 25.57 -13.34
CA ARG A 213 -19.63 26.48 -14.37
C ARG A 213 -20.73 26.71 -15.41
N ARG A 214 -21.00 27.96 -15.73
CA ARG A 214 -22.14 28.27 -16.57
C ARG A 214 -21.70 28.48 -18.02
N ASP B 2 34.45 -19.05 -16.23
CA ASP B 2 33.75 -19.42 -14.96
C ASP B 2 34.43 -18.72 -13.78
N ASP B 3 35.77 -18.76 -13.76
CA ASP B 3 36.56 -18.02 -12.78
C ASP B 3 36.78 -16.58 -13.23
N ASP B 4 36.74 -16.36 -14.54
CA ASP B 4 36.68 -15.01 -15.12
C ASP B 4 35.30 -14.39 -14.91
N LYS B 5 34.26 -15.22 -14.94
CA LYS B 5 32.89 -14.78 -14.63
C LYS B 5 32.74 -14.49 -13.13
N LEU B 6 33.43 -15.30 -12.33
CA LEU B 6 33.52 -15.10 -10.88
C LEU B 6 34.21 -13.78 -10.53
N HIS B 7 35.32 -13.49 -11.20
CA HIS B 7 36.05 -12.22 -11.00
C HIS B 7 35.30 -10.99 -11.53
N SER B 8 34.60 -11.14 -12.66
CA SER B 8 33.74 -10.06 -13.19
C SER B 8 32.68 -9.64 -12.17
N GLN B 9 32.02 -10.64 -11.56
CA GLN B 9 31.07 -10.45 -10.47
C GLN B 9 31.69 -9.72 -9.29
N ALA B 10 32.83 -10.22 -8.82
CA ALA B 10 33.62 -9.58 -7.77
C ALA B 10 33.87 -8.10 -8.07
N ASN B 11 34.41 -7.82 -9.26
CA ASN B 11 34.71 -6.44 -9.67
C ASN B 11 33.48 -5.54 -9.58
N LEU B 12 32.34 -6.04 -10.04
CA LEU B 12 31.08 -5.27 -10.01
C LEU B 12 30.57 -5.06 -8.58
N MET B 13 30.68 -6.08 -7.73
CA MET B 13 30.31 -5.92 -6.32
C MET B 13 31.22 -4.90 -5.63
N ARG B 14 32.50 -4.88 -5.98
CA ARG B 14 33.47 -3.93 -5.42
C ARG B 14 33.13 -2.48 -5.83
N LEU B 15 32.87 -2.29 -7.12
CA LEU B 15 32.46 -0.97 -7.64
C LEU B 15 31.25 -0.46 -6.88
N LYS B 16 30.21 -1.29 -6.82
CA LYS B 16 28.95 -0.90 -6.18
C LYS B 16 29.16 -0.60 -4.69
N SER B 17 29.90 -1.47 -4.02
CA SER B 17 30.33 -1.24 -2.64
C SER B 17 31.08 0.10 -2.46
N ASP B 18 32.05 0.37 -3.33
CA ASP B 18 32.83 1.60 -3.29
C ASP B 18 32.00 2.86 -3.42
N LEU B 19 31.02 2.84 -4.34
CA LEU B 19 30.15 3.99 -4.60
C LEU B 19 29.04 4.14 -3.56
N PHE B 20 28.46 3.02 -3.10
CA PHE B 20 27.26 3.08 -2.25
C PHE B 20 27.52 2.86 -0.76
N ASN B 21 28.45 1.98 -0.39
CA ASN B 21 28.63 1.58 1.02
C ASN B 21 29.75 2.32 1.75
N ARG B 22 30.56 3.08 1.01
CA ARG B 22 31.72 3.77 1.55
C ARG B 22 31.59 5.30 1.46
N SER B 23 30.40 5.75 1.10
CA SER B 23 30.10 7.17 0.96
C SER B 23 28.60 7.34 1.23
N PRO B 24 28.22 7.91 2.39
CA PRO B 24 26.80 8.25 2.61
C PRO B 24 26.24 9.10 1.48
N MET B 25 24.94 8.96 1.21
CA MET B 25 24.35 9.43 -0.04
C MET B 25 24.59 10.93 -0.30
N TYR B 26 24.56 11.25 -1.59
CA TYR B 26 24.44 12.61 -2.10
C TYR B 26 23.24 13.35 -1.48
N PRO B 27 23.50 14.51 -0.83
CA PRO B 27 22.43 15.28 -0.19
C PRO B 27 21.60 16.12 -1.16
N GLY B 28 21.74 15.93 -2.46
CA GLY B 28 21.01 16.74 -3.42
C GLY B 28 21.77 17.99 -3.83
N PRO B 29 21.28 18.66 -4.89
CA PRO B 29 21.97 19.85 -5.40
C PRO B 29 21.81 21.05 -4.51
N THR B 30 22.69 22.04 -4.74
CA THR B 30 22.62 23.34 -4.07
C THR B 30 22.94 24.43 -5.09
N LYS B 31 22.76 25.69 -4.69
CA LYS B 31 23.09 26.81 -5.58
C LYS B 31 24.59 26.84 -5.95
N ASP B 32 25.43 26.34 -5.04
CA ASP B 32 26.87 26.28 -5.28
C ASP B 32 27.24 25.10 -6.16
N ASP B 33 26.33 24.14 -6.24
CA ASP B 33 26.56 22.85 -6.89
C ASP B 33 25.27 22.43 -7.61
N PRO B 34 24.91 23.18 -8.69
CA PRO B 34 23.66 22.96 -9.42
C PRO B 34 23.68 21.70 -10.28
N LEU B 35 22.52 21.12 -10.51
CA LEU B 35 22.41 19.87 -11.26
C LEU B 35 21.49 20.08 -12.44
N THR B 36 21.91 19.62 -13.63
CA THR B 36 21.03 19.55 -14.77
C THR B 36 20.30 18.22 -14.80
N VAL B 37 18.97 18.31 -14.93
CA VAL B 37 18.14 17.14 -15.10
C VAL B 37 17.41 17.27 -16.42
N THR B 38 17.56 16.26 -17.30
CA THR B 38 16.88 16.26 -18.58
C THR B 38 15.71 15.24 -18.63
N LEU B 39 14.58 15.73 -19.12
CA LEU B 39 13.28 15.06 -19.15
C LEU B 39 12.82 14.72 -20.58
N GLY B 40 12.25 13.53 -20.76
CA GLY B 40 11.74 13.09 -22.07
C GLY B 40 10.55 12.21 -21.83
N PHE B 41 9.44 12.47 -22.52
CA PHE B 41 8.25 11.63 -22.44
C PHE B 41 8.08 10.76 -23.68
N THR B 42 7.79 9.48 -23.42
CA THR B 42 7.32 8.52 -24.41
C THR B 42 5.85 8.21 -24.06
N LEU B 43 4.92 8.79 -24.81
CA LEU B 43 3.50 8.63 -24.53
C LEU B 43 2.95 7.35 -25.16
N GLN B 44 2.40 6.48 -24.33
CA GLN B 44 1.89 5.19 -24.78
C GLN B 44 0.39 5.21 -25.06
N ASP B 45 -0.38 5.90 -24.23
CA ASP B 45 -1.82 5.81 -24.38
C ASP B 45 -2.50 6.92 -23.58
N ILE B 46 -3.57 7.49 -24.16
CA ILE B 46 -4.61 8.18 -23.39
C ILE B 46 -5.66 7.11 -23.10
N VAL B 47 -5.72 6.70 -21.84
CA VAL B 47 -6.52 5.56 -21.44
C VAL B 47 -7.97 5.98 -21.29
N LYS B 48 -8.18 7.14 -20.67
CA LYS B 48 -9.49 7.57 -20.21
C LYS B 48 -9.60 9.10 -20.23
N ALA B 49 -10.74 9.61 -20.69
CA ALA B 49 -11.09 11.04 -20.53
C ALA B 49 -12.48 11.16 -19.92
N ASP B 50 -12.57 11.77 -18.75
CA ASP B 50 -13.79 11.79 -17.97
C ASP B 50 -14.33 13.22 -17.99
N SER B 51 -15.34 13.43 -18.82
CA SER B 51 -15.99 14.74 -18.94
C SER B 51 -16.93 15.09 -17.78
N SER B 52 -17.26 14.15 -16.89
CA SER B 52 -18.05 14.48 -15.69
C SER B 52 -17.19 15.11 -14.60
N THR B 53 -15.87 14.84 -14.63
CA THR B 53 -14.93 15.35 -13.61
C THR B 53 -13.75 16.16 -14.17
N ASN B 54 -13.64 16.26 -15.50
CA ASN B 54 -12.49 16.89 -16.14
C ASN B 54 -11.13 16.33 -15.65
N GLU B 55 -11.03 15.01 -15.80
CA GLU B 55 -9.82 14.25 -15.51
C GLU B 55 -9.49 13.38 -16.72
N VAL B 56 -8.22 13.42 -17.15
CA VAL B 56 -7.73 12.56 -18.22
C VAL B 56 -6.58 11.69 -17.68
N ASP B 57 -6.52 10.44 -18.14
CA ASP B 57 -5.53 9.49 -17.66
C ASP B 57 -4.56 9.15 -18.78
N LEU B 58 -3.27 9.31 -18.50
CA LEU B 58 -2.20 9.02 -19.45
C LEU B 58 -1.34 7.88 -18.96
N VAL B 59 -0.82 7.07 -19.89
CA VAL B 59 0.26 6.12 -19.62
C VAL B 59 1.46 6.52 -20.49
N TYR B 60 2.61 6.68 -19.82
CA TYR B 60 3.84 7.11 -20.46
C TYR B 60 5.07 6.53 -19.74
N TYR B 61 6.19 6.56 -20.45
CA TYR B 61 7.52 6.37 -19.85
C TYR B 61 8.14 7.74 -19.73
N GLU B 62 8.63 8.05 -18.55
CA GLU B 62 9.27 9.33 -18.30
C GLU B 62 10.78 9.06 -18.17
N GLN B 63 11.57 9.51 -19.13
CA GLN B 63 13.04 9.48 -19.05
C GLN B 63 13.62 10.66 -18.27
N GLN B 64 14.44 10.34 -17.28
CA GLN B 64 15.13 11.31 -16.42
C GLN B 64 16.61 11.02 -16.48
N ARG B 65 17.39 12.03 -16.85
CA ARG B 65 18.84 11.89 -16.97
C ARG B 65 19.60 12.99 -16.23
N TRP B 66 20.60 12.59 -15.45
CA TRP B 66 21.46 13.54 -14.76
C TRP B 66 22.83 12.91 -14.55
N LYS B 67 23.81 13.73 -14.15
CA LYS B 67 25.19 13.30 -13.92
C LYS B 67 25.70 13.80 -12.56
N LEU B 68 26.33 12.90 -11.80
CA LEU B 68 27.00 13.26 -10.53
C LEU B 68 28.46 12.88 -10.57
N ASN B 69 29.33 13.80 -10.14
CA ASN B 69 30.74 13.51 -9.96
C ASN B 69 31.00 12.38 -8.97
N SER B 70 30.17 12.30 -7.93
CA SER B 70 30.26 11.21 -6.95
C SER B 70 29.98 9.80 -7.52
N LEU B 71 29.40 9.71 -8.72
CA LEU B 71 29.17 8.41 -9.36
C LEU B 71 30.14 8.07 -10.53
N MET B 72 31.21 8.86 -10.69
CA MET B 72 32.24 8.57 -11.70
C MET B 72 33.20 7.50 -11.22
N TRP B 73 33.71 6.70 -12.15
CA TRP B 73 34.83 5.80 -11.87
C TRP B 73 35.67 5.52 -13.12
N ASP B 74 36.87 5.01 -12.86
CA ASP B 74 37.78 4.58 -13.91
C ASP B 74 37.52 3.08 -14.19
N PRO B 75 37.01 2.75 -15.40
CA PRO B 75 36.82 1.34 -15.75
C PRO B 75 38.08 0.49 -15.60
N ASN B 76 39.24 1.09 -15.85
CA ASN B 76 40.52 0.41 -15.69
C ASN B 76 40.76 -0.11 -14.26
N GLU B 77 40.21 0.59 -13.28
CA GLU B 77 40.31 0.21 -11.87
C GLU B 77 39.29 -0.85 -11.45
N TYR B 78 38.29 -1.12 -12.30
CA TYR B 78 37.21 -2.05 -11.99
C TYR B 78 36.91 -3.05 -13.11
N GLY B 79 37.94 -3.70 -13.64
CA GLY B 79 37.77 -4.78 -14.60
C GLY B 79 37.12 -4.38 -15.90
N ASN B 80 37.36 -3.14 -16.31
CA ASN B 80 36.79 -2.59 -17.55
C ASN B 80 35.28 -2.35 -17.54
N ILE B 81 34.67 -2.39 -16.36
CA ILE B 81 33.24 -2.15 -16.27
C ILE B 81 32.97 -0.70 -16.66
N THR B 82 32.04 -0.50 -17.59
CA THR B 82 31.68 0.86 -18.05
C THR B 82 30.27 1.32 -17.67
N ASP B 83 29.45 0.41 -17.14
CA ASP B 83 28.09 0.74 -16.76
C ASP B 83 27.56 -0.33 -15.81
N PHE B 84 26.57 0.01 -14.99
CA PHE B 84 25.87 -1.00 -14.19
C PHE B 84 24.43 -0.60 -13.90
N ARG B 85 23.62 -1.58 -13.52
CA ARG B 85 22.23 -1.35 -13.16
C ARG B 85 22.04 -1.47 -11.67
N THR B 86 21.20 -0.62 -11.10
CA THR B 86 20.96 -0.70 -9.66
C THR B 86 19.54 -0.24 -9.28
N SER B 87 19.02 -0.78 -8.19
CA SER B 87 17.79 -0.31 -7.60
C SER B 87 17.81 1.22 -7.42
N ALA B 88 16.75 1.89 -7.86
CA ALA B 88 16.61 3.33 -7.71
C ALA B 88 16.66 3.81 -6.23
N ALA B 89 16.23 2.92 -5.32
CA ALA B 89 16.43 3.10 -3.87
C ALA B 89 17.89 3.29 -3.42
N ASP B 90 18.82 2.65 -4.12
CA ASP B 90 20.23 2.76 -3.79
C ASP B 90 20.86 4.15 -4.08
N ILE B 91 20.13 5.03 -4.78
CA ILE B 91 20.69 6.31 -5.21
C ILE B 91 19.71 7.46 -5.03
N TRP B 92 20.25 8.68 -5.07
CA TRP B 92 19.44 9.88 -5.13
C TRP B 92 18.74 9.95 -6.47
N THR B 93 17.45 10.33 -6.46
CA THR B 93 16.72 10.62 -7.70
C THR B 93 16.00 11.98 -7.54
N PRO B 94 15.79 12.70 -8.64
CA PRO B 94 15.15 14.04 -8.57
C PRO B 94 13.62 14.01 -8.25
N ASP B 95 13.14 15.08 -7.60
CA ASP B 95 11.71 15.19 -7.13
C ASP B 95 10.78 15.80 -8.18
N ILE B 96 10.92 15.33 -9.41
CA ILE B 96 10.14 15.86 -10.51
C ILE B 96 8.70 15.37 -10.37
N THR B 97 7.79 16.32 -10.37
CA THR B 97 6.39 16.12 -10.04
C THR B 97 5.48 16.81 -11.07
N ALA B 98 4.40 16.14 -11.46
CA ALA B 98 3.28 16.79 -12.20
C ALA B 98 2.52 17.74 -11.26
N TYR B 99 2.31 18.98 -11.65
CA TYR B 99 1.77 19.97 -10.71
C TYR B 99 0.21 19.96 -10.61
N SER B 100 -0.46 19.28 -11.55
CA SER B 100 -1.93 19.24 -11.55
C SER B 100 -2.54 17.83 -11.66
N SER B 101 -1.87 16.86 -11.06
CA SER B 101 -2.41 15.51 -10.86
C SER B 101 -3.60 15.54 -9.91
N THR B 102 -4.50 14.58 -10.08
CA THR B 102 -5.68 14.48 -9.26
C THR B 102 -5.69 13.22 -8.40
N ARG B 103 -4.70 12.34 -8.62
CA ARG B 103 -4.55 11.10 -7.88
C ARG B 103 -3.06 10.78 -7.80
N PRO B 104 -2.61 9.99 -6.80
CA PRO B 104 -1.20 9.59 -6.81
C PRO B 104 -0.82 8.84 -8.10
N VAL B 105 0.35 9.15 -8.67
CA VAL B 105 0.84 8.47 -9.88
C VAL B 105 1.05 6.99 -9.54
N GLN B 106 0.79 6.13 -10.52
CA GLN B 106 0.93 4.68 -10.36
C GLN B 106 2.09 4.22 -11.20
N VAL B 107 2.96 3.45 -10.57
CA VAL B 107 4.20 3.01 -11.18
C VAL B 107 3.98 1.66 -11.83
N LEU B 108 4.31 1.57 -13.11
CA LEU B 108 3.99 0.42 -13.93
C LEU B 108 5.23 -0.47 -14.22
N SER B 109 6.43 0.00 -13.92
CA SER B 109 7.66 -0.71 -14.23
C SER B 109 8.53 -0.93 -13.00
N PRO B 110 9.56 -1.79 -13.10
CA PRO B 110 10.59 -1.88 -12.05
C PRO B 110 11.34 -0.55 -11.84
N GLN B 111 11.77 -0.25 -10.62
CA GLN B 111 12.52 0.99 -10.32
C GLN B 111 13.99 0.72 -10.29
N ILE B 112 14.60 0.68 -11.47
CA ILE B 112 15.99 0.36 -11.65
C ILE B 112 16.62 1.42 -12.54
N ALA B 113 17.81 1.88 -12.16
CA ALA B 113 18.55 2.91 -12.89
C ALA B 113 19.82 2.33 -13.52
N VAL B 114 20.29 2.96 -14.61
CA VAL B 114 21.52 2.58 -15.28
C VAL B 114 22.49 3.72 -15.06
N VAL B 115 23.66 3.39 -14.52
CA VAL B 115 24.73 4.34 -14.20
C VAL B 115 25.91 4.08 -15.14
N THR B 116 26.44 5.11 -15.79
CA THR B 116 27.66 4.96 -16.62
C THR B 116 28.87 5.58 -15.93
N HIS B 117 30.07 5.21 -16.36
CA HIS B 117 31.28 5.53 -15.63
C HIS B 117 31.64 7.02 -15.58
N ASP B 118 31.04 7.82 -16.47
CA ASP B 118 31.15 9.29 -16.39
C ASP B 118 30.25 9.86 -15.29
N GLY B 119 29.50 9.00 -14.59
CA GLY B 119 28.61 9.41 -13.52
C GLY B 119 27.21 9.78 -13.96
N SER B 120 26.89 9.55 -15.24
CA SER B 120 25.53 9.77 -15.72
C SER B 120 24.57 8.68 -15.27
N VAL B 121 23.37 9.09 -14.90
CA VAL B 121 22.31 8.19 -14.47
C VAL B 121 21.12 8.35 -15.42
N MET B 122 20.57 7.23 -15.89
CA MET B 122 19.31 7.22 -16.65
C MET B 122 18.29 6.38 -15.89
N PHE B 123 17.15 6.98 -15.60
CA PHE B 123 16.09 6.33 -14.83
C PHE B 123 14.78 6.56 -15.59
N ILE B 124 14.06 5.49 -15.88
CA ILE B 124 12.86 5.50 -16.77
C ILE B 124 11.63 4.81 -16.10
N PRO B 125 10.96 5.52 -15.18
CA PRO B 125 9.70 4.98 -14.64
C PRO B 125 8.55 5.07 -15.65
N ALA B 126 7.90 3.93 -15.92
CA ALA B 126 6.58 3.89 -16.56
C ALA B 126 5.48 4.21 -15.52
N GLN B 127 4.53 5.07 -15.91
CA GLN B 127 3.60 5.69 -14.99
C GLN B 127 2.19 5.82 -15.62
N ARG B 128 1.16 5.71 -14.79
CA ARG B 128 -0.20 6.12 -15.13
C ARG B 128 -0.54 7.32 -14.27
N LEU B 129 -0.90 8.42 -14.94
CA LEU B 129 -1.18 9.74 -14.33
C LEU B 129 -2.62 10.17 -14.63
N SER B 130 -3.42 10.50 -13.61
CA SER B 130 -4.68 11.24 -13.78
C SER B 130 -4.39 12.73 -13.50
N PHE B 131 -4.82 13.60 -14.42
CA PHE B 131 -4.59 15.04 -14.28
C PHE B 131 -5.79 15.88 -14.76
N MET B 132 -5.76 17.19 -14.42
CA MET B 132 -6.88 18.09 -14.70
C MET B 132 -6.95 18.41 -16.16
N CYS B 133 -8.05 18.04 -16.80
CA CYS B 133 -8.22 18.21 -18.22
C CYS B 133 -9.69 18.14 -18.66
N ASP B 134 -10.13 19.21 -19.33
CA ASP B 134 -11.47 19.28 -19.92
C ASP B 134 -11.40 18.69 -21.31
N PRO B 135 -11.98 17.49 -21.49
CA PRO B 135 -11.95 16.87 -22.82
C PRO B 135 -13.02 17.36 -23.82
N THR B 136 -13.65 18.51 -23.56
CA THR B 136 -14.64 19.06 -24.49
C THR B 136 -14.04 19.17 -25.91
N GLY B 137 -14.78 18.63 -26.89
CA GLY B 137 -14.42 18.71 -28.30
C GLY B 137 -13.62 17.53 -28.79
N VAL B 138 -13.36 16.57 -27.91
CA VAL B 138 -12.53 15.40 -28.26
C VAL B 138 -13.15 14.59 -29.40
N ASP B 139 -14.46 14.71 -29.49
CA ASP B 139 -15.32 13.96 -30.39
C ASP B 139 -15.61 14.71 -31.69
N SER B 140 -14.57 15.26 -32.30
CA SER B 140 -14.70 16.19 -33.43
C SER B 140 -13.39 16.29 -34.20
N GLU B 141 -13.44 16.91 -35.38
CA GLU B 141 -12.22 17.07 -36.20
C GLU B 141 -11.11 17.84 -35.46
N GLU B 142 -11.48 18.88 -34.71
CA GLU B 142 -10.51 19.73 -34.03
C GLU B 142 -9.92 19.07 -32.75
N GLY B 143 -10.71 18.20 -32.12
CA GLY B 143 -10.27 17.52 -30.91
C GLY B 143 -10.20 18.40 -29.65
N ALA B 144 -9.53 17.87 -28.63
CA ALA B 144 -9.40 18.52 -27.34
C ALA B 144 -7.92 18.82 -27.09
N THR B 145 -7.65 19.78 -26.21
CA THR B 145 -6.29 20.14 -25.86
C THR B 145 -6.15 20.16 -24.35
N CYS B 146 -5.17 19.42 -23.83
CA CYS B 146 -4.81 19.50 -22.42
C CYS B 146 -3.32 19.74 -22.17
N ALA B 147 -3.01 20.16 -20.95
CA ALA B 147 -1.65 20.51 -20.57
C ALA B 147 -1.42 20.19 -19.12
N VAL B 148 -0.19 19.79 -18.82
CA VAL B 148 0.23 19.55 -17.45
C VAL B 148 1.72 19.90 -17.36
N LYS B 149 2.07 20.68 -16.34
CA LYS B 149 3.44 21.09 -16.05
C LYS B 149 4.12 20.10 -15.09
N PHE B 150 5.39 19.84 -15.38
CA PHE B 150 6.27 19.06 -14.53
C PHE B 150 7.40 19.93 -14.00
N GLY B 151 7.80 19.68 -12.76
CA GLY B 151 8.93 20.39 -12.18
C GLY B 151 9.34 19.78 -10.86
N SER B 152 10.47 20.23 -10.34
CA SER B 152 10.87 19.92 -8.98
C SER B 152 9.80 20.43 -8.01
N TRP B 153 9.70 19.77 -6.86
CA TRP B 153 8.83 20.23 -5.78
C TRP B 153 9.47 21.29 -4.88
N VAL B 154 10.77 21.20 -4.67
CA VAL B 154 11.47 22.08 -3.72
C VAL B 154 12.69 22.84 -4.27
N TYR B 155 13.16 22.53 -5.47
CA TYR B 155 14.38 23.17 -5.99
C TYR B 155 14.09 24.21 -7.07
N SER B 156 14.65 25.41 -6.92
CA SER B 156 14.65 26.44 -7.98
C SER B 156 15.57 26.07 -9.17
N GLY B 157 15.50 26.88 -10.21
CA GLY B 157 16.35 26.72 -11.36
C GLY B 157 17.84 26.96 -11.14
N PHE B 158 18.22 27.55 -10.01
CA PHE B 158 19.64 27.60 -9.67
C PHE B 158 20.11 26.33 -8.95
N GLU B 159 19.20 25.40 -8.64
CA GLU B 159 19.59 24.16 -7.98
C GLU B 159 19.37 22.96 -8.90
N ILE B 160 18.18 22.88 -9.51
CA ILE B 160 17.93 21.93 -10.61
C ILE B 160 17.60 22.70 -11.89
N ASP B 161 18.53 22.65 -12.83
CA ASP B 161 18.31 23.17 -14.17
C ASP B 161 17.57 22.10 -14.97
N LEU B 162 16.27 22.28 -15.11
CA LEU B 162 15.41 21.31 -15.79
C LEU B 162 15.36 21.59 -17.30
N LYS B 163 15.65 20.56 -18.10
CA LYS B 163 15.73 20.61 -19.59
C LYS B 163 14.98 19.46 -20.28
N THR B 164 14.73 19.67 -21.59
N THR B 164 14.71 19.61 -21.59
CA THR B 164 14.40 18.61 -22.54
CA THR B 164 13.93 18.62 -22.37
C THR B 164 15.46 18.66 -23.67
C THR B 164 14.77 17.87 -23.43
N ASP B 165 15.76 17.51 -24.28
N ASP B 165 14.42 16.61 -23.71
CA ASP B 165 16.70 17.47 -25.43
CA ASP B 165 14.98 15.81 -24.83
C ASP B 165 15.97 17.92 -26.70
C ASP B 165 14.19 16.16 -26.09
N THR B 166 14.66 17.76 -26.67
N THR B 166 14.53 17.32 -26.69
CA THR B 166 13.79 18.13 -27.78
CA THR B 166 13.74 17.98 -27.75
C THR B 166 12.41 18.50 -27.24
C THR B 166 12.36 18.42 -27.26
N ASP B 167 11.70 19.32 -27.99
CA ASP B 167 10.32 19.76 -27.63
C ASP B 167 9.23 18.87 -28.23
N GLN B 168 9.61 17.80 -28.92
CA GLN B 168 8.66 16.89 -29.49
C GLN B 168 8.56 15.66 -28.60
N VAL B 169 7.37 15.36 -28.11
CA VAL B 169 7.14 14.12 -27.35
C VAL B 169 7.38 12.92 -28.24
N ASP B 170 7.93 11.85 -27.68
CA ASP B 170 8.17 10.63 -28.43
C ASP B 170 6.84 9.87 -28.55
N LEU B 171 6.34 9.79 -29.80
CA LEU B 171 5.08 9.12 -30.07
C LEU B 171 5.25 7.78 -30.80
N SER B 172 6.50 7.30 -30.91
CA SER B 172 6.84 6.11 -31.68
C SER B 172 6.27 4.80 -31.09
N SER B 173 5.96 4.78 -29.80
CA SER B 173 5.35 3.64 -29.16
C SER B 173 3.87 3.90 -28.79
N TYR B 174 3.25 4.92 -29.37
CA TYR B 174 1.89 5.24 -28.99
C TYR B 174 0.97 4.11 -29.48
N TYR B 175 0.05 3.64 -28.62
CA TYR B 175 -0.85 2.52 -28.91
C TYR B 175 -1.77 2.82 -30.11
N ALA B 176 -1.67 2.00 -31.15
CA ALA B 176 -2.31 2.28 -32.42
C ALA B 176 -3.83 2.04 -32.40
N SER B 177 -4.30 1.28 -31.40
CA SER B 177 -5.73 1.05 -31.24
C SER B 177 -6.34 1.72 -30.02
N SER B 178 -5.75 2.84 -29.61
CA SER B 178 -6.24 3.66 -28.50
C SER B 178 -7.61 4.21 -28.84
N LYS B 179 -8.47 4.46 -27.86
CA LYS B 179 -9.73 5.16 -28.12
C LYS B 179 -9.45 6.56 -28.70
N TYR B 180 -8.27 7.11 -28.40
CA TYR B 180 -7.85 8.46 -28.81
C TYR B 180 -6.59 8.50 -29.67
N GLU B 181 -6.69 9.20 -30.79
CA GLU B 181 -5.54 9.49 -31.64
C GLU B 181 -4.89 10.82 -31.24
N ILE B 182 -3.57 10.88 -31.42
CA ILE B 182 -2.78 12.06 -31.05
C ILE B 182 -2.64 13.00 -32.25
N LEU B 183 -3.12 14.23 -32.10
CA LEU B 183 -2.95 15.24 -33.16
C LEU B 183 -1.58 15.94 -33.00
N SER B 184 -1.20 16.22 -31.77
CA SER B 184 0.18 16.65 -31.46
C SER B 184 0.50 16.51 -29.97
N ALA B 185 1.79 16.37 -29.68
CA ALA B 185 2.28 16.29 -28.32
C ALA B 185 3.65 16.94 -28.20
N THR B 186 3.73 17.95 -27.34
CA THR B 186 4.97 18.71 -27.12
C THR B 186 5.35 18.78 -25.64
N GLN B 187 6.65 18.98 -25.40
CA GLN B 187 7.24 19.00 -24.09
C GLN B 187 8.21 20.19 -24.05
N THR B 188 7.79 21.29 -23.44
CA THR B 188 8.45 22.58 -23.65
C THR B 188 8.91 23.17 -22.33
N ARG B 189 10.20 23.44 -22.26
CA ARG B 189 10.81 24.10 -21.13
C ARG B 189 10.34 25.55 -21.05
N GLN B 190 9.86 25.96 -19.87
CA GLN B 190 9.40 27.33 -19.64
C GLN B 190 10.09 27.89 -18.41
N VAL B 191 10.54 29.13 -18.51
CA VAL B 191 11.21 29.79 -17.42
C VAL B 191 10.40 31.00 -16.96
N GLN B 192 10.32 31.16 -15.64
CA GLN B 192 9.62 32.25 -14.99
C GLN B 192 10.52 32.94 -13.99
N HIS B 193 10.33 34.24 -13.82
CA HIS B 193 10.94 34.95 -12.71
C HIS B 193 9.87 35.63 -11.87
N TYR B 194 10.09 35.63 -10.56
CA TYR B 194 9.20 36.34 -9.65
C TYR B 194 9.91 37.64 -9.23
N SER B 195 9.15 38.72 -9.04
CA SER B 195 9.77 40.04 -8.80
C SER B 195 10.60 40.13 -7.50
N CYS B 196 10.29 39.27 -6.52
CA CYS B 196 11.05 39.19 -5.26
C CYS B 196 12.49 38.71 -5.41
N CYS B 197 12.77 37.96 -6.46
CA CYS B 197 13.80 36.95 -6.40
C CYS B 197 14.54 36.79 -7.72
N PRO B 198 15.88 36.67 -7.67
CA PRO B 198 16.73 36.48 -8.86
C PRO B 198 16.57 35.15 -9.55
N GLU B 199 16.41 34.06 -8.79
CA GLU B 199 16.46 32.71 -9.35
C GLU B 199 15.36 32.44 -10.38
N PRO B 200 15.70 31.68 -11.43
CA PRO B 200 14.68 31.21 -12.35
C PRO B 200 13.87 30.03 -11.76
N TYR B 201 12.60 29.93 -12.12
CA TYR B 201 11.73 28.80 -11.81
C TYR B 201 11.34 28.19 -13.16
N ILE B 202 11.61 26.90 -13.32
CA ILE B 202 11.65 26.24 -14.61
C ILE B 202 10.73 25.02 -14.59
N ASP B 203 9.79 25.01 -15.54
CA ASP B 203 8.80 23.96 -15.71
C ASP B 203 8.98 23.32 -17.08
N VAL B 204 8.58 22.06 -17.21
CA VAL B 204 8.35 21.45 -18.53
C VAL B 204 6.84 21.28 -18.74
N ASN B 205 6.31 21.90 -19.79
CA ASN B 205 4.88 21.85 -20.08
C ASN B 205 4.60 20.78 -21.14
N LEU B 206 3.87 19.74 -20.75
CA LEU B 206 3.40 18.73 -21.67
C LEU B 206 2.04 19.15 -22.19
N VAL B 207 1.94 19.36 -23.48
CA VAL B 207 0.69 19.76 -24.12
C VAL B 207 0.28 18.70 -25.14
N VAL B 208 -0.91 18.13 -24.97
CA VAL B 208 -1.40 17.08 -25.85
C VAL B 208 -2.73 17.48 -26.46
N LYS B 209 -2.81 17.40 -27.79
CA LYS B 209 -4.01 17.62 -28.58
C LYS B 209 -4.44 16.28 -29.14
N PHE B 210 -5.70 15.89 -28.89
CA PHE B 210 -6.15 14.54 -29.22
C PHE B 210 -7.64 14.50 -29.57
N ARG B 211 -8.07 13.45 -30.23
CA ARG B 211 -9.48 13.25 -30.53
C ARG B 211 -9.83 11.77 -30.62
N GLU B 212 -11.13 11.47 -30.55
CA GLU B 212 -11.63 10.10 -30.58
C GLU B 212 -11.29 9.49 -31.94
N ARG B 213 -10.68 8.31 -31.93
CA ARG B 213 -10.29 7.62 -33.17
C ARG B 213 -11.52 7.05 -33.86
N ARG B 214 -11.63 7.26 -35.17
CA ARG B 214 -12.67 6.63 -35.97
C ARG B 214 -12.13 5.51 -36.84
N ASP C 4 18.11 -37.90 12.00
CA ASP C 4 17.76 -37.83 10.54
C ASP C 4 16.60 -36.86 10.28
N LYS C 5 16.30 -35.99 11.25
CA LYS C 5 15.16 -35.05 11.17
C LYS C 5 15.60 -33.61 11.55
N LEU C 6 16.09 -33.45 12.76
CA LEU C 6 16.76 -32.19 13.15
C LEU C 6 18.10 -32.03 12.41
N HIS C 7 18.75 -33.16 12.05
CA HIS C 7 19.98 -33.15 11.21
C HIS C 7 19.67 -32.76 9.76
N SER C 8 18.59 -33.30 9.21
CA SER C 8 18.13 -32.89 7.89
C SER C 8 17.75 -31.40 7.94
N GLN C 9 17.05 -31.00 9.00
CA GLN C 9 16.73 -29.60 9.26
C GLN C 9 18.00 -28.74 9.48
N ALA C 10 18.98 -29.29 10.20
CA ALA C 10 20.26 -28.60 10.36
C ALA C 10 20.99 -28.46 9.03
N ASN C 11 21.02 -29.53 8.24
CA ASN C 11 21.68 -29.55 6.93
C ASN C 11 21.10 -28.50 5.98
N LEU C 12 19.78 -28.36 5.98
CA LEU C 12 19.11 -27.36 5.14
C LEU C 12 19.41 -25.94 5.61
N MET C 13 19.35 -25.73 6.92
CA MET C 13 19.71 -24.43 7.49
C MET C 13 21.16 -24.03 7.13
N ARG C 14 22.06 -24.99 7.18
CA ARG C 14 23.47 -24.77 6.84
C ARG C 14 23.66 -24.44 5.36
N LEU C 15 22.97 -25.17 4.50
CA LEU C 15 22.97 -24.94 3.06
C LEU C 15 22.52 -23.50 2.75
N LYS C 16 21.36 -23.12 3.28
CA LYS C 16 20.82 -21.79 3.03
C LYS C 16 21.74 -20.69 3.55
N SER C 17 22.27 -20.87 4.75
CA SER C 17 23.28 -19.94 5.30
C SER C 17 24.49 -19.84 4.35
N ASP C 18 25.02 -20.98 3.92
CA ASP C 18 26.16 -21.00 2.99
C ASP C 18 25.90 -20.28 1.66
N LEU C 19 24.70 -20.43 1.11
CA LEU C 19 24.36 -19.82 -0.19
C LEU C 19 24.05 -18.35 -0.05
N PHE C 20 23.36 -17.99 1.03
CA PHE C 20 22.85 -16.63 1.20
C PHE C 20 23.78 -15.75 1.99
N ASN C 21 24.33 -16.30 3.07
CA ASN C 21 25.01 -15.49 4.08
C ASN C 21 26.50 -15.47 3.91
N ARG C 22 27.09 -16.62 3.59
CA ARG C 22 28.53 -16.69 3.41
C ARG C 22 28.95 -16.13 2.04
N SER C 23 28.03 -15.50 1.32
CA SER C 23 28.29 -15.08 -0.05
C SER C 23 27.81 -13.63 -0.33
N PRO C 24 28.65 -12.81 -0.99
CA PRO C 24 28.23 -11.42 -1.31
C PRO C 24 27.15 -11.41 -2.39
N MET C 25 26.37 -10.33 -2.48
CA MET C 25 25.16 -10.32 -3.30
C MET C 25 25.40 -10.45 -4.82
N TYR C 26 24.64 -11.34 -5.47
CA TYR C 26 24.70 -11.53 -6.91
C TYR C 26 24.22 -10.23 -7.50
N PRO C 27 25.12 -9.55 -8.23
CA PRO C 27 24.81 -8.20 -8.71
C PRO C 27 23.94 -8.19 -9.99
N GLY C 28 23.42 -9.35 -10.37
CA GLY C 28 22.69 -9.49 -11.61
C GLY C 28 23.59 -9.80 -12.79
N PRO C 29 23.00 -10.09 -13.95
CA PRO C 29 23.77 -10.50 -15.12
C PRO C 29 24.52 -9.38 -15.82
N THR C 30 25.51 -9.76 -16.62
CA THR C 30 26.30 -8.82 -17.42
C THR C 30 26.62 -9.46 -18.76
N LYS C 31 27.21 -8.67 -19.65
CA LYS C 31 27.69 -9.18 -20.94
C LYS C 31 28.70 -10.31 -20.75
N ASP C 32 29.58 -10.17 -19.76
CA ASP C 32 30.57 -11.18 -19.42
C ASP C 32 29.98 -12.41 -18.74
N ASP C 33 28.83 -12.22 -18.09
CA ASP C 33 28.21 -13.26 -17.29
C ASP C 33 26.70 -13.19 -17.53
N PRO C 34 26.27 -13.54 -18.77
CA PRO C 34 24.88 -13.46 -19.19
C PRO C 34 24.03 -14.61 -18.67
N LEU C 35 22.71 -14.44 -18.79
CA LEU C 35 21.73 -15.30 -18.18
C LEU C 35 20.60 -15.59 -19.15
N THR C 36 20.20 -16.85 -19.31
CA THR C 36 18.94 -17.17 -19.98
C THR C 36 17.75 -17.26 -19.00
N VAL C 37 16.64 -16.61 -19.36
CA VAL C 37 15.41 -16.71 -18.60
C VAL C 37 14.37 -17.28 -19.53
N THR C 38 13.77 -18.38 -19.11
CA THR C 38 12.67 -18.97 -19.87
C THR C 38 11.32 -18.68 -19.27
N LEU C 39 10.41 -18.19 -20.11
CA LEU C 39 9.07 -17.84 -19.70
C LEU C 39 8.01 -18.73 -20.31
N GLY C 40 6.98 -19.03 -19.52
CA GLY C 40 5.78 -19.69 -20.00
C GLY C 40 4.54 -19.20 -19.24
N PHE C 41 3.45 -18.97 -19.98
CA PHE C 41 2.16 -18.55 -19.42
C PHE C 41 1.18 -19.69 -19.34
N THR C 42 0.53 -19.76 -18.18
CA THR C 42 -0.64 -20.56 -17.95
C THR C 42 -1.79 -19.53 -17.84
N LEU C 43 -2.62 -19.44 -18.90
CA LEU C 43 -3.70 -18.47 -18.92
C LEU C 43 -4.91 -19.04 -18.22
N GLN C 44 -5.35 -18.36 -17.15
CA GLN C 44 -6.45 -18.84 -16.33
C GLN C 44 -7.79 -18.24 -16.72
N ASP C 45 -7.81 -16.96 -17.03
CA ASP C 45 -9.08 -16.30 -17.34
C ASP C 45 -8.86 -14.92 -17.98
N ILE C 46 -9.74 -14.56 -18.90
CA ILE C 46 -9.92 -13.18 -19.36
C ILE C 46 -11.09 -12.67 -18.50
N VAL C 47 -10.80 -11.84 -17.52
CA VAL C 47 -11.80 -11.47 -16.55
C VAL C 47 -12.66 -10.31 -17.03
N LYS C 48 -12.07 -9.36 -17.75
CA LYS C 48 -12.77 -8.13 -18.13
C LYS C 48 -12.27 -7.64 -19.48
N ALA C 49 -13.19 -7.13 -20.30
CA ALA C 49 -12.87 -6.49 -21.56
C ALA C 49 -13.63 -5.16 -21.63
N ASP C 50 -12.92 -4.04 -21.57
CA ASP C 50 -13.55 -2.71 -21.48
C ASP C 50 -13.34 -1.88 -22.78
N SER C 51 -14.39 -1.80 -23.60
CA SER C 51 -14.33 -1.05 -24.86
C SER C 51 -14.54 0.45 -24.69
N SER C 52 -14.80 0.92 -23.48
CA SER C 52 -14.90 2.35 -23.32
C SER C 52 -13.48 2.93 -23.14
N THR C 53 -12.53 2.06 -22.72
CA THR C 53 -11.14 2.50 -22.50
C THR C 53 -10.07 1.65 -23.21
N ASN C 54 -10.50 0.60 -23.90
CA ASN C 54 -9.62 -0.33 -24.56
C ASN C 54 -8.55 -0.89 -23.61
N GLU C 55 -9.05 -1.46 -22.50
CA GLU C 55 -8.27 -2.22 -21.53
C GLU C 55 -8.89 -3.61 -21.39
N VAL C 56 -8.03 -4.63 -21.36
CA VAL C 56 -8.46 -6.01 -21.06
C VAL C 56 -7.69 -6.52 -19.86
N ASP C 57 -8.37 -7.29 -19.02
CA ASP C 57 -7.83 -7.84 -17.79
C ASP C 57 -7.64 -9.34 -17.88
N LEU C 58 -6.42 -9.81 -17.62
CA LEU C 58 -6.08 -11.22 -17.66
C LEU C 58 -5.64 -11.70 -16.28
N VAL C 59 -5.91 -12.96 -16.00
CA VAL C 59 -5.32 -13.67 -14.87
C VAL C 59 -4.55 -14.86 -15.42
N TYR C 60 -3.28 -14.99 -15.02
CA TYR C 60 -2.40 -16.06 -15.49
C TYR C 60 -1.33 -16.40 -14.44
N TYR C 61 -0.72 -17.58 -14.57
CA TYR C 61 0.50 -17.88 -13.81
C TYR C 61 1.67 -17.71 -14.78
N GLU C 62 2.70 -16.98 -14.35
CA GLU C 62 3.86 -16.77 -15.20
C GLU C 62 5.06 -17.57 -14.68
N GLN C 63 5.43 -18.65 -15.38
CA GLN C 63 6.59 -19.48 -14.99
C GLN C 63 7.90 -18.85 -15.49
N GLN C 64 8.78 -18.56 -14.56
CA GLN C 64 10.10 -18.00 -14.83
C GLN C 64 11.17 -19.00 -14.37
N ARG C 65 12.09 -19.35 -15.27
CA ARG C 65 13.16 -20.29 -14.98
C ARG C 65 14.52 -19.73 -15.45
N TRP C 66 15.50 -19.81 -14.55
CA TRP C 66 16.87 -19.44 -14.86
C TRP C 66 17.82 -20.25 -13.96
N LYS C 67 19.12 -20.13 -14.24
CA LYS C 67 20.11 -20.96 -13.57
C LYS C 67 21.35 -20.11 -13.22
N LEU C 68 21.75 -20.14 -11.94
CA LEU C 68 22.98 -19.45 -11.52
C LEU C 68 24.03 -20.40 -11.03
N ASN C 69 25.26 -20.21 -11.49
CA ASN C 69 26.42 -20.94 -10.94
C ASN C 69 26.55 -20.78 -9.43
N SER C 70 26.28 -19.58 -8.95
CA SER C 70 26.39 -19.26 -7.52
C SER C 70 25.30 -19.92 -6.63
N LEU C 71 24.32 -20.57 -7.24
CA LEU C 71 23.32 -21.28 -6.46
C LEU C 71 23.51 -22.78 -6.50
N MET C 72 24.59 -23.27 -7.11
CA MET C 72 24.82 -24.72 -7.12
C MET C 72 25.48 -25.20 -5.84
N TRP C 73 25.19 -26.47 -5.50
CA TRP C 73 25.86 -27.16 -4.43
C TRP C 73 25.99 -28.67 -4.71
N ASP C 74 26.82 -29.30 -3.90
CA ASP C 74 27.02 -30.75 -3.93
C ASP C 74 26.13 -31.37 -2.84
N PRO C 75 25.05 -32.09 -3.24
CA PRO C 75 24.18 -32.74 -2.26
C PRO C 75 24.94 -33.56 -1.22
N ASN C 76 26.10 -34.08 -1.59
CA ASN C 76 26.96 -34.82 -0.68
C ASN C 76 27.48 -34.01 0.52
N GLU C 77 27.81 -32.74 0.28
CA GLU C 77 28.19 -31.84 1.37
C GLU C 77 27.02 -31.47 2.30
N TYR C 78 25.78 -31.77 1.92
CA TYR C 78 24.60 -31.25 2.66
C TYR C 78 23.52 -32.30 2.91
N GLY C 79 23.94 -33.47 3.38
CA GLY C 79 23.03 -34.55 3.74
C GLY C 79 22.14 -35.05 2.63
N ASN C 80 22.62 -34.98 1.39
CA ASN C 80 21.88 -35.39 0.20
C ASN C 80 20.65 -34.54 -0.19
N ILE C 81 20.59 -33.32 0.33
CA ILE C 81 19.59 -32.33 -0.12
C ILE C 81 19.81 -31.98 -1.60
N THR C 82 18.76 -32.10 -2.41
CA THR C 82 18.81 -31.85 -3.84
C THR C 82 18.02 -30.62 -4.30
N ASP C 83 17.12 -30.11 -3.44
CA ASP C 83 16.29 -28.94 -3.75
C ASP C 83 15.80 -28.31 -2.46
N PHE C 84 15.41 -27.02 -2.56
CA PHE C 84 14.77 -26.35 -1.42
C PHE C 84 13.86 -25.24 -1.89
N ARG C 85 12.94 -24.85 -1.01
CA ARG C 85 12.00 -23.75 -1.26
C ARG C 85 12.40 -22.59 -0.41
N THR C 86 12.34 -21.37 -0.95
CA THR C 86 12.74 -20.19 -0.19
C THR C 86 12.00 -18.97 -0.71
N SER C 87 11.84 -17.99 0.17
CA SER C 87 11.24 -16.70 -0.19
C SER C 87 11.95 -16.07 -1.40
N ALA C 88 11.18 -15.60 -2.38
CA ALA C 88 11.76 -14.89 -3.53
C ALA C 88 12.65 -13.67 -3.19
N ALA C 89 12.52 -13.15 -1.96
CA ALA C 89 13.30 -12.01 -1.50
C ALA C 89 14.68 -12.39 -1.07
N ASP C 90 14.90 -13.67 -0.79
CA ASP C 90 16.22 -14.17 -0.43
C ASP C 90 17.14 -14.28 -1.63
N ILE C 91 16.58 -14.20 -2.83
CA ILE C 91 17.35 -14.40 -4.05
C ILE C 91 17.14 -13.30 -5.08
N TRP C 92 18.07 -13.20 -6.02
CA TRP C 92 17.88 -12.37 -7.18
C TRP C 92 16.74 -12.93 -8.05
N THR C 93 15.90 -12.03 -8.57
CA THR C 93 14.88 -12.39 -9.55
C THR C 93 14.88 -11.43 -10.74
N PRO C 94 14.49 -11.92 -11.93
CA PRO C 94 14.56 -11.06 -13.12
C PRO C 94 13.47 -9.98 -13.21
N ASP C 95 13.77 -8.91 -13.97
CA ASP C 95 12.92 -7.72 -14.01
C ASP C 95 11.95 -7.78 -15.18
N ILE C 96 11.32 -8.93 -15.36
CA ILE C 96 10.45 -9.17 -16.50
C ILE C 96 9.15 -8.40 -16.29
N THR C 97 8.83 -7.55 -17.25
CA THR C 97 7.73 -6.61 -17.18
C THR C 97 6.84 -6.67 -18.45
N ALA C 98 5.53 -6.53 -18.28
CA ALA C 98 4.66 -6.21 -19.41
C ALA C 98 4.89 -4.77 -19.88
N TYR C 99 5.10 -4.58 -21.17
CA TYR C 99 5.45 -3.24 -21.70
C TYR C 99 4.25 -2.32 -21.96
N SER C 100 3.04 -2.88 -22.00
CA SER C 100 1.82 -2.12 -22.28
C SER C 100 0.73 -2.34 -21.23
N SER C 101 1.12 -2.57 -19.98
CA SER C 101 0.18 -2.49 -18.84
C SER C 101 -0.38 -1.06 -18.67
N THR C 102 -1.60 -0.99 -18.15
CA THR C 102 -2.28 0.26 -17.85
C THR C 102 -2.53 0.49 -16.34
N ARG C 103 -2.29 -0.54 -15.50
CA ARG C 103 -2.34 -0.44 -14.04
C ARG C 103 -1.21 -1.26 -13.48
N PRO C 104 -0.78 -1.01 -12.22
CA PRO C 104 0.25 -1.89 -11.62
C PRO C 104 -0.22 -3.36 -11.57
N VAL C 105 0.62 -4.30 -11.96
CA VAL C 105 0.29 -5.70 -11.92
C VAL C 105 -0.03 -6.08 -10.47
N GLN C 106 -1.07 -6.89 -10.27
CA GLN C 106 -1.43 -7.39 -8.95
C GLN C 106 -1.01 -8.85 -8.76
N VAL C 107 -0.31 -9.12 -7.65
CA VAL C 107 0.18 -10.45 -7.34
C VAL C 107 -0.86 -11.24 -6.53
N LEU C 108 -1.12 -12.45 -6.98
CA LEU C 108 -2.14 -13.31 -6.42
C LEU C 108 -1.61 -14.47 -5.57
N SER C 109 -0.31 -14.73 -5.59
CA SER C 109 0.27 -15.93 -5.01
C SER C 109 1.43 -15.56 -4.09
N PRO C 110 1.78 -16.48 -3.18
CA PRO C 110 2.99 -16.38 -2.34
C PRO C 110 4.25 -16.20 -3.16
N GLN C 111 5.18 -15.39 -2.69
CA GLN C 111 6.41 -15.12 -3.42
C GLN C 111 7.52 -16.04 -2.94
N ILE C 112 7.46 -17.27 -3.41
CA ILE C 112 8.37 -18.36 -3.03
C ILE C 112 8.86 -19.07 -4.30
N ALA C 113 10.16 -19.35 -4.32
CA ALA C 113 10.85 -20.03 -5.42
C ALA C 113 11.31 -21.41 -4.99
N VAL C 114 11.51 -22.29 -5.97
CA VAL C 114 12.18 -23.57 -5.77
C VAL C 114 13.57 -23.53 -6.42
N VAL C 115 14.59 -23.90 -5.63
CA VAL C 115 15.99 -23.99 -6.08
C VAL C 115 16.48 -25.45 -6.08
N THR C 116 17.13 -25.87 -7.17
CA THR C 116 17.71 -27.23 -7.28
C THR C 116 19.22 -27.14 -7.29
N HIS C 117 19.86 -28.26 -6.96
CA HIS C 117 21.29 -28.28 -6.68
C HIS C 117 22.21 -27.87 -7.83
N ASP C 118 21.68 -27.87 -9.07
CA ASP C 118 22.44 -27.42 -10.25
C ASP C 118 22.40 -25.90 -10.42
N GLY C 119 21.74 -25.22 -9.48
CA GLY C 119 21.60 -23.77 -9.52
C GLY C 119 20.34 -23.26 -10.20
N SER C 120 19.48 -24.18 -10.64
CA SER C 120 18.24 -23.77 -11.32
C SER C 120 17.19 -23.27 -10.36
N VAL C 121 16.54 -22.17 -10.73
CA VAL C 121 15.46 -21.56 -9.98
C VAL C 121 14.18 -21.57 -10.85
N MET C 122 13.06 -21.96 -10.26
CA MET C 122 11.73 -21.83 -10.88
C MET C 122 10.92 -20.95 -9.96
N PHE C 123 10.40 -19.85 -10.50
CA PHE C 123 9.57 -18.89 -9.76
C PHE C 123 8.30 -18.63 -10.59
N ILE C 124 7.14 -18.74 -9.95
CA ILE C 124 5.82 -18.73 -10.63
C ILE C 124 4.88 -17.71 -9.94
N PRO C 125 5.03 -16.43 -10.26
CA PRO C 125 4.00 -15.49 -9.80
C PRO C 125 2.67 -15.62 -10.55
N ALA C 126 1.59 -15.76 -9.80
CA ALA C 126 0.24 -15.61 -10.35
C ALA C 126 -0.10 -14.14 -10.28
N GLN C 127 -0.69 -13.63 -11.37
CA GLN C 127 -0.90 -12.20 -11.58
C GLN C 127 -2.26 -11.86 -12.21
N ARG C 128 -2.82 -10.70 -11.86
CA ARG C 128 -3.87 -10.04 -12.62
C ARG C 128 -3.26 -8.79 -13.29
N LEU C 129 -3.40 -8.73 -14.61
CA LEU C 129 -2.81 -7.71 -15.47
C LEU C 129 -3.89 -6.96 -16.26
N SER C 130 -3.90 -5.63 -16.19
CA SER C 130 -4.66 -4.79 -17.13
C SER C 130 -3.69 -4.26 -18.19
N PHE C 131 -4.05 -4.46 -19.46
CA PHE C 131 -3.20 -4.03 -20.57
C PHE C 131 -4.05 -3.41 -21.72
N MET C 132 -3.36 -2.70 -22.61
CA MET C 132 -3.93 -2.05 -23.78
C MET C 132 -4.45 -3.03 -24.79
N CYS C 133 -5.76 -2.96 -25.03
CA CYS C 133 -6.42 -3.86 -25.95
C CYS C 133 -7.81 -3.35 -26.37
N ASP C 134 -7.99 -3.25 -27.68
CA ASP C 134 -9.29 -2.97 -28.30
C ASP C 134 -10.04 -4.28 -28.51
N PRO C 135 -11.08 -4.53 -27.70
CA PRO C 135 -11.87 -5.78 -27.85
C PRO C 135 -12.91 -5.81 -29.01
N THR C 136 -12.90 -4.82 -29.89
CA THR C 136 -13.80 -4.80 -31.06
C THR C 136 -13.82 -6.17 -31.76
N GLY C 137 -15.03 -6.66 -32.02
CA GLY C 137 -15.24 -7.95 -32.65
C GLY C 137 -15.36 -9.15 -31.71
N VAL C 138 -15.27 -8.90 -30.40
CA VAL C 138 -15.37 -9.96 -29.40
C VAL C 138 -16.72 -10.71 -29.50
N ASP C 139 -17.77 -10.00 -29.95
CA ASP C 139 -19.07 -10.60 -30.18
C ASP C 139 -19.28 -10.96 -31.66
N SER C 140 -18.31 -11.65 -32.25
CA SER C 140 -18.42 -12.18 -33.61
C SER C 140 -17.74 -13.54 -33.64
N GLU C 141 -17.89 -14.22 -34.76
CA GLU C 141 -17.32 -15.54 -34.93
C GLU C 141 -15.79 -15.51 -34.92
N GLU C 142 -15.19 -14.46 -35.47
CA GLU C 142 -13.72 -14.40 -35.58
C GLU C 142 -13.08 -13.87 -34.30
N GLY C 143 -13.88 -13.18 -33.49
CA GLY C 143 -13.43 -12.72 -32.18
C GLY C 143 -12.61 -11.45 -32.23
N ALA C 144 -11.95 -11.16 -31.12
CA ALA C 144 -11.02 -10.05 -30.95
C ALA C 144 -9.60 -10.61 -30.83
N THR C 145 -8.60 -9.81 -31.07
CA THR C 145 -7.20 -10.21 -30.97
C THR C 145 -6.44 -9.17 -30.18
N CYS C 146 -5.85 -9.56 -29.06
CA CYS C 146 -4.95 -8.66 -28.34
C CYS C 146 -3.55 -9.24 -28.17
N ALA C 147 -2.60 -8.34 -27.96
CA ALA C 147 -1.19 -8.68 -27.81
C ALA C 147 -0.52 -7.83 -26.73
N VAL C 148 0.38 -8.45 -25.97
CA VAL C 148 1.16 -7.72 -25.00
C VAL C 148 2.58 -8.29 -24.97
N LYS C 149 3.57 -7.40 -25.04
CA LYS C 149 4.97 -7.81 -25.01
C LYS C 149 5.50 -7.79 -23.58
N PHE C 150 6.28 -8.82 -23.25
CA PHE C 150 6.98 -8.92 -22.00
C PHE C 150 8.48 -8.88 -22.25
N GLY C 151 9.22 -8.27 -21.33
CA GLY C 151 10.68 -8.27 -21.44
C GLY C 151 11.33 -7.63 -20.24
N SER C 152 12.66 -7.63 -20.20
CA SER C 152 13.40 -6.93 -19.16
C SER C 152 13.24 -5.42 -19.30
N TRP C 153 13.39 -4.70 -18.20
CA TRP C 153 13.27 -3.26 -18.20
C TRP C 153 14.60 -2.58 -18.47
N VAL C 154 15.69 -3.23 -18.04
CA VAL C 154 17.05 -2.66 -18.17
C VAL C 154 18.10 -3.53 -18.89
N TYR C 155 17.78 -4.79 -19.20
CA TYR C 155 18.80 -5.71 -19.76
C TYR C 155 18.58 -6.01 -21.25
N SER C 156 19.66 -5.89 -22.05
CA SER C 156 19.61 -6.31 -23.44
C SER C 156 19.71 -7.83 -23.55
N GLY C 157 19.63 -8.33 -24.78
CA GLY C 157 19.65 -9.75 -25.07
C GLY C 157 21.04 -10.34 -24.93
N PHE C 158 22.05 -9.47 -24.80
CA PHE C 158 23.41 -9.92 -24.42
C PHE C 158 23.60 -10.02 -22.92
N GLU C 159 22.58 -9.67 -22.14
CA GLU C 159 22.67 -9.76 -20.68
C GLU C 159 21.63 -10.76 -20.16
N ILE C 160 20.39 -10.61 -20.60
CA ILE C 160 19.33 -11.59 -20.37
C ILE C 160 18.78 -12.03 -21.73
N ASP C 161 19.02 -13.30 -22.06
CA ASP C 161 18.38 -13.93 -23.21
C ASP C 161 17.04 -14.49 -22.75
N LEU C 162 15.94 -14.15 -23.44
CA LEU C 162 14.61 -14.72 -23.11
C LEU C 162 14.24 -15.79 -24.10
N LYS C 163 13.64 -16.86 -23.58
CA LYS C 163 13.09 -17.93 -24.41
C LYS C 163 11.72 -18.28 -23.87
N THR C 164 10.94 -19.04 -24.65
CA THR C 164 9.63 -19.48 -24.21
C THR C 164 9.57 -21.00 -24.01
N ASP C 165 8.68 -21.40 -23.07
CA ASP C 165 8.37 -22.81 -22.87
C ASP C 165 7.32 -23.29 -23.91
N THR C 166 7.81 -23.51 -25.15
CA THR C 166 6.99 -23.67 -26.39
C THR C 166 6.36 -22.33 -26.78
N ASP C 167 5.86 -22.24 -28.03
CA ASP C 167 5.14 -21.03 -28.45
C ASP C 167 3.61 -21.07 -28.18
N GLN C 168 3.17 -22.17 -27.57
CA GLN C 168 1.77 -22.38 -27.22
C GLN C 168 1.57 -22.05 -25.74
N VAL C 169 0.71 -21.07 -25.48
CA VAL C 169 0.31 -20.77 -24.12
C VAL C 169 -0.41 -22.02 -23.54
N ASP C 170 -0.19 -22.29 -22.27
CA ASP C 170 -0.89 -23.36 -21.57
C ASP C 170 -2.31 -22.90 -21.23
N LEU C 171 -3.28 -23.58 -21.84
CA LEU C 171 -4.71 -23.35 -21.64
C LEU C 171 -5.40 -24.48 -20.84
N SER C 172 -4.63 -25.42 -20.28
CA SER C 172 -5.14 -26.61 -19.56
C SER C 172 -5.89 -26.25 -18.27
N SER C 173 -5.62 -25.07 -17.70
CA SER C 173 -6.30 -24.58 -16.50
C SER C 173 -7.20 -23.39 -16.79
N TYR C 174 -7.59 -23.18 -18.05
CA TYR C 174 -8.40 -22.01 -18.40
C TYR C 174 -9.80 -22.20 -17.83
N TYR C 175 -10.35 -21.18 -17.18
CA TYR C 175 -11.63 -21.31 -16.52
C TYR C 175 -12.75 -21.70 -17.52
N ALA C 176 -13.34 -22.86 -17.29
CA ALA C 176 -14.28 -23.46 -18.24
C ALA C 176 -15.58 -22.66 -18.41
N SER C 177 -15.87 -21.74 -17.49
CA SER C 177 -17.12 -20.97 -17.51
C SER C 177 -16.87 -19.47 -17.57
N SER C 178 -15.71 -19.10 -18.09
CA SER C 178 -15.35 -17.72 -18.38
C SER C 178 -16.37 -17.07 -19.27
N LYS C 179 -16.49 -15.73 -19.17
CA LYS C 179 -17.33 -14.97 -20.14
C LYS C 179 -16.76 -15.07 -21.56
N TYR C 180 -15.45 -15.38 -21.68
CA TYR C 180 -14.74 -15.43 -22.96
C TYR C 180 -14.08 -16.77 -23.22
N GLU C 181 -14.26 -17.29 -24.43
CA GLU C 181 -13.54 -18.49 -24.86
C GLU C 181 -12.28 -18.17 -25.68
N ILE C 182 -11.24 -18.98 -25.51
CA ILE C 182 -9.98 -18.78 -26.20
C ILE C 182 -9.98 -19.50 -27.54
N LEU C 183 -9.74 -18.73 -28.61
CA LEU C 183 -9.63 -19.24 -29.95
C LEU C 183 -8.19 -19.66 -30.24
N SER C 184 -7.24 -18.88 -29.77
CA SER C 184 -5.82 -19.21 -29.78
C SER C 184 -5.08 -18.35 -28.77
N ALA C 185 -3.99 -18.89 -28.24
CA ALA C 185 -3.13 -18.15 -27.36
C ALA C 185 -1.68 -18.56 -27.64
N THR C 186 -0.84 -17.61 -28.07
CA THR C 186 0.56 -17.93 -28.38
C THR C 186 1.52 -17.03 -27.60
N GLN C 187 2.74 -17.52 -27.39
CA GLN C 187 3.79 -16.82 -26.65
C GLN C 187 5.10 -16.97 -27.45
N THR C 188 5.52 -15.90 -28.10
CA THR C 188 6.52 -15.95 -29.16
C THR C 188 7.67 -14.98 -28.92
N ARG C 189 8.87 -15.57 -28.88
CA ARG C 189 10.11 -14.81 -28.82
C ARG C 189 10.28 -13.97 -30.07
N GLN C 190 10.56 -12.68 -29.87
CA GLN C 190 10.76 -11.72 -30.96
C GLN C 190 12.11 -11.05 -30.75
N VAL C 191 12.79 -10.70 -31.82
CA VAL C 191 14.13 -10.10 -31.76
C VAL C 191 14.17 -8.88 -32.68
N GLN C 192 14.86 -7.86 -32.22
CA GLN C 192 14.95 -6.54 -32.84
C GLN C 192 16.41 -6.07 -32.72
N HIS C 193 16.93 -5.35 -33.71
CA HIS C 193 18.26 -4.76 -33.61
C HIS C 193 18.19 -3.28 -33.98
N TYR C 194 18.98 -2.45 -33.31
CA TYR C 194 19.00 -1.01 -33.57
C TYR C 194 20.28 -0.61 -34.31
N SER C 195 20.18 0.40 -35.16
CA SER C 195 21.32 0.83 -35.95
C SER C 195 22.56 1.19 -35.10
N CYS C 196 22.34 1.71 -33.90
CA CYS C 196 23.43 2.09 -33.00
C CYS C 196 24.35 0.97 -32.54
N CYS C 197 23.85 -0.26 -32.44
CA CYS C 197 24.33 -1.21 -31.46
C CYS C 197 24.30 -2.67 -31.93
N PRO C 198 25.28 -3.48 -31.50
CA PRO C 198 25.28 -4.90 -31.87
C PRO C 198 24.22 -5.80 -31.23
N GLU C 199 23.88 -5.57 -29.95
CA GLU C 199 23.03 -6.46 -29.14
C GLU C 199 21.64 -6.70 -29.71
N PRO C 200 21.12 -7.92 -29.57
CA PRO C 200 19.69 -8.12 -29.79
C PRO C 200 18.86 -7.58 -28.60
N TYR C 201 17.70 -7.05 -28.93
CA TYR C 201 16.64 -6.72 -27.95
C TYR C 201 15.51 -7.72 -28.16
N ILE C 202 15.22 -8.51 -27.12
CA ILE C 202 14.37 -9.68 -27.20
C ILE C 202 13.10 -9.49 -26.32
N ASP C 203 11.93 -9.70 -26.93
CA ASP C 203 10.63 -9.66 -26.24
C ASP C 203 9.95 -11.01 -26.38
N VAL C 204 9.03 -11.30 -25.47
CA VAL C 204 8.05 -12.37 -25.66
C VAL C 204 6.64 -11.77 -25.89
N ASN C 205 6.09 -11.97 -27.09
CA ASN C 205 4.78 -11.45 -27.48
C ASN C 205 3.67 -12.46 -27.15
N LEU C 206 2.81 -12.10 -26.21
CA LEU C 206 1.67 -12.91 -25.85
C LEU C 206 0.50 -12.42 -26.68
N VAL C 207 -0.02 -13.30 -27.53
CA VAL C 207 -1.12 -12.95 -28.43
C VAL C 207 -2.31 -13.87 -28.12
N VAL C 208 -3.44 -13.23 -27.82
CA VAL C 208 -4.67 -13.92 -27.41
C VAL C 208 -5.78 -13.52 -28.37
N LYS C 209 -6.40 -14.51 -28.98
CA LYS C 209 -7.59 -14.35 -29.83
C LYS C 209 -8.75 -14.98 -29.08
N PHE C 210 -9.84 -14.24 -28.93
CA PHE C 210 -10.94 -14.66 -28.05
C PHE C 210 -12.28 -14.06 -28.49
N ARG C 211 -13.35 -14.68 -28.00
CA ARG C 211 -14.71 -14.23 -28.24
C ARG C 211 -15.62 -14.54 -27.06
N GLU C 212 -16.74 -13.83 -27.02
CA GLU C 212 -17.76 -14.08 -26.01
C GLU C 212 -18.27 -15.51 -26.09
N ARG C 213 -18.26 -16.20 -24.95
CA ARG C 213 -18.72 -17.57 -24.86
C ARG C 213 -20.24 -17.59 -24.86
N ARG C 214 -20.82 -18.16 -25.92
CA ARG C 214 -22.26 -18.43 -26.02
C ARG C 214 -22.86 -19.02 -24.73
N LEU D 6 2.49 -10.04 38.72
CA LEU D 6 3.53 -9.94 37.64
C LEU D 6 4.04 -11.31 37.13
N HIS D 7 3.91 -12.35 37.97
CA HIS D 7 4.42 -13.71 37.68
C HIS D 7 4.39 -14.16 36.21
N SER D 8 3.21 -14.13 35.59
CA SER D 8 3.09 -14.58 34.22
C SER D 8 3.99 -13.74 33.31
N GLN D 9 3.86 -12.42 33.45
CA GLN D 9 4.50 -11.45 32.57
C GLN D 9 6.00 -11.73 32.37
N ALA D 10 6.70 -11.99 33.46
CA ALA D 10 8.16 -12.23 33.44
C ALA D 10 8.53 -13.54 32.73
N ASN D 11 7.76 -14.59 33.00
CA ASN D 11 7.93 -15.89 32.33
C ASN D 11 7.56 -15.85 30.84
N LEU D 12 6.47 -15.16 30.49
CA LEU D 12 6.06 -15.06 29.09
C LEU D 12 7.05 -14.24 28.26
N MET D 13 7.53 -13.12 28.80
CA MET D 13 8.57 -12.35 28.12
C MET D 13 9.77 -13.25 27.82
N ARG D 14 10.19 -14.04 28.80
CA ARG D 14 11.34 -14.95 28.64
C ARG D 14 11.06 -16.03 27.60
N LEU D 15 9.89 -16.67 27.71
CA LEU D 15 9.45 -17.71 26.76
C LEU D 15 9.51 -17.27 25.30
N LYS D 16 9.01 -16.07 25.01
CA LYS D 16 8.98 -15.59 23.63
C LYS D 16 10.39 -15.31 23.13
N SER D 17 11.20 -14.63 23.94
CA SER D 17 12.61 -14.39 23.63
C SER D 17 13.39 -15.70 23.40
N ASP D 18 13.14 -16.72 24.23
CA ASP D 18 13.74 -18.04 24.03
C ASP D 18 13.33 -18.64 22.69
N LEU D 19 12.02 -18.85 22.50
CA LEU D 19 11.50 -19.52 21.29
C LEU D 19 11.89 -18.82 19.99
N PHE D 20 11.92 -17.48 20.03
CA PHE D 20 12.09 -16.70 18.81
C PHE D 20 13.55 -16.27 18.55
N ASN D 21 14.21 -15.68 19.54
CA ASN D 21 15.54 -15.09 19.35
C ASN D 21 16.72 -16.05 19.51
N ARG D 22 16.46 -17.28 19.96
CA ARG D 22 17.55 -18.19 20.38
C ARG D 22 17.52 -19.53 19.64
N MET D 25 16.21 -20.01 12.36
CA MET D 25 14.94 -19.87 11.65
C MET D 25 14.44 -21.19 11.02
N TYR D 26 13.15 -21.49 11.24
CA TYR D 26 12.55 -22.74 10.75
C TYR D 26 12.47 -22.70 9.23
N PRO D 27 13.23 -23.58 8.54
CA PRO D 27 13.36 -23.50 7.09
C PRO D 27 12.13 -24.00 6.32
N GLY D 28 11.04 -24.29 7.05
CA GLY D 28 9.87 -24.88 6.44
C GLY D 28 9.98 -26.40 6.37
N PRO D 29 8.89 -27.06 5.94
CA PRO D 29 8.85 -28.52 5.84
C PRO D 29 9.62 -29.15 4.69
N THR D 30 9.94 -30.42 4.83
CA THR D 30 10.63 -31.21 3.80
C THR D 30 10.07 -32.63 3.78
N LYS D 31 10.52 -33.43 2.83
CA LYS D 31 10.11 -34.82 2.74
C LYS D 31 10.57 -35.59 3.98
N ASP D 32 11.74 -35.21 4.53
CA ASP D 32 12.28 -35.79 5.76
C ASP D 32 11.61 -35.30 7.05
N ASP D 33 11.18 -34.03 7.07
CA ASP D 33 10.40 -33.47 8.16
C ASP D 33 9.09 -32.87 7.63
N PRO D 34 8.13 -33.75 7.27
CA PRO D 34 6.86 -33.27 6.71
C PRO D 34 5.93 -32.67 7.76
N LEU D 35 4.93 -31.93 7.29
CA LEU D 35 4.01 -31.22 8.16
C LEU D 35 2.58 -31.46 7.72
N THR D 36 1.67 -31.69 8.67
CA THR D 36 0.23 -31.69 8.39
C THR D 36 -0.40 -30.32 8.70
N VAL D 37 -1.09 -29.75 7.71
CA VAL D 37 -1.85 -28.53 7.87
C VAL D 37 -3.36 -28.91 7.75
N THR D 38 -4.13 -28.54 8.77
CA THR D 38 -5.57 -28.75 8.76
C THR D 38 -6.29 -27.43 8.48
N LEU D 39 -7.21 -27.46 7.50
CA LEU D 39 -8.00 -26.31 7.04
C LEU D 39 -9.47 -26.44 7.38
N GLY D 40 -10.11 -25.32 7.72
CA GLY D 40 -11.54 -25.26 7.98
C GLY D 40 -12.07 -23.88 7.65
N PHE D 41 -13.23 -23.80 7.00
CA PHE D 41 -13.80 -22.52 6.62
C PHE D 41 -15.06 -22.25 7.45
N THR D 42 -15.11 -21.05 8.01
CA THR D 42 -16.31 -20.48 8.57
C THR D 42 -16.82 -19.42 7.59
N LEU D 43 -17.82 -19.79 6.75
CA LEU D 43 -18.33 -18.87 5.72
C LEU D 43 -19.30 -17.86 6.33
N GLN D 44 -18.96 -16.58 6.20
CA GLN D 44 -19.70 -15.46 6.82
C GLN D 44 -20.68 -14.84 5.82
N ASP D 45 -20.29 -14.69 4.57
CA ASP D 45 -21.15 -13.99 3.59
C ASP D 45 -20.68 -14.16 2.14
N ILE D 46 -21.64 -14.29 1.23
CA ILE D 46 -21.42 -14.06 -0.20
C ILE D 46 -21.83 -12.62 -0.40
N VAL D 47 -20.86 -11.75 -0.66
CA VAL D 47 -21.12 -10.32 -0.67
C VAL D 47 -21.61 -9.89 -2.05
N LYS D 48 -20.93 -10.36 -3.09
CA LYS D 48 -21.24 -9.94 -4.44
C LYS D 48 -21.15 -11.12 -5.40
N ALA D 49 -22.02 -11.13 -6.41
CA ALA D 49 -21.93 -12.05 -7.53
C ALA D 49 -22.08 -11.26 -8.85
N ASP D 50 -20.99 -11.14 -9.62
CA ASP D 50 -20.98 -10.33 -10.84
C ASP D 50 -21.07 -11.25 -12.06
N SER D 51 -22.21 -11.21 -12.75
CA SER D 51 -22.40 -12.00 -13.95
C SER D 51 -21.86 -11.34 -15.22
N SER D 52 -21.45 -10.08 -15.13
CA SER D 52 -20.78 -9.42 -16.24
C SER D 52 -19.30 -9.84 -16.37
N THR D 53 -18.67 -10.31 -15.28
CA THR D 53 -17.26 -10.74 -15.34
C THR D 53 -17.07 -12.20 -14.86
N ASN D 54 -18.14 -12.82 -14.36
CA ASN D 54 -18.07 -14.13 -13.70
C ASN D 54 -17.08 -14.13 -12.51
N GLU D 55 -17.31 -13.18 -11.60
CA GLU D 55 -16.54 -13.11 -10.36
C GLU D 55 -17.50 -13.14 -9.18
N VAL D 56 -17.19 -13.94 -8.16
CA VAL D 56 -17.96 -13.91 -6.92
C VAL D 56 -17.05 -13.55 -5.74
N ASP D 57 -17.60 -12.80 -4.79
CA ASP D 57 -16.87 -12.37 -3.61
C ASP D 57 -17.39 -13.00 -2.33
N LEU D 58 -16.50 -13.67 -1.60
CA LEU D 58 -16.80 -14.33 -0.33
C LEU D 58 -16.07 -13.66 0.84
N VAL D 59 -16.71 -13.67 2.00
CA VAL D 59 -16.08 -13.35 3.28
C VAL D 59 -16.12 -14.58 4.20
N TYR D 60 -14.96 -15.00 4.70
CA TYR D 60 -14.86 -16.18 5.57
C TYR D 60 -13.69 -16.06 6.56
N TYR D 61 -13.73 -16.88 7.61
CA TYR D 61 -12.59 -17.08 8.51
C TYR D 61 -11.96 -18.40 8.09
N GLU D 62 -10.66 -18.37 7.77
CA GLU D 62 -9.96 -19.58 7.38
C GLU D 62 -9.15 -20.07 8.57
N GLN D 63 -9.59 -21.19 9.16
CA GLN D 63 -8.87 -21.82 10.24
C GLN D 63 -7.71 -22.67 9.71
N GLN D 64 -6.50 -22.36 10.21
CA GLN D 64 -5.30 -23.12 9.89
C GLN D 64 -4.62 -23.65 11.16
N ARG D 65 -4.32 -24.95 11.15
CA ARG D 65 -3.69 -25.65 12.26
C ARG D 65 -2.50 -26.49 11.82
N TRP D 66 -1.44 -26.46 12.62
CA TRP D 66 -0.25 -27.28 12.39
C TRP D 66 0.57 -27.34 13.69
N LYS D 67 1.57 -28.21 13.73
CA LYS D 67 2.37 -28.45 14.93
C LYS D 67 3.85 -28.50 14.58
N LEU D 68 4.67 -27.69 15.26
CA LEU D 68 6.14 -27.77 15.11
C LEU D 68 6.83 -28.12 16.40
N ASN D 69 7.71 -29.11 16.36
CA ASN D 69 8.56 -29.44 17.51
C ASN D 69 9.32 -28.23 18.02
N SER D 70 9.82 -27.41 17.11
CA SER D 70 10.65 -26.26 17.47
C SER D 70 9.90 -25.19 18.29
N LEU D 71 8.58 -25.32 18.41
CA LEU D 71 7.72 -24.41 19.19
C LEU D 71 7.23 -25.02 20.51
N MET D 72 7.69 -26.23 20.83
CA MET D 72 7.38 -26.88 22.11
C MET D 72 8.12 -26.26 23.29
N TRP D 73 7.53 -26.34 24.47
CA TRP D 73 8.20 -25.97 25.71
C TRP D 73 7.63 -26.75 26.91
N ASP D 74 8.45 -26.86 27.96
CA ASP D 74 8.04 -27.45 29.24
C ASP D 74 7.39 -26.34 30.06
N PRO D 75 6.08 -26.46 30.38
CA PRO D 75 5.43 -25.46 31.25
C PRO D 75 6.09 -25.25 32.63
N ASN D 76 6.71 -26.28 33.19
CA ASN D 76 7.39 -26.14 34.49
C ASN D 76 8.66 -25.28 34.44
N GLU D 77 9.21 -25.10 33.23
CA GLU D 77 10.30 -24.17 32.99
C GLU D 77 9.85 -22.71 32.84
N TYR D 78 8.54 -22.47 32.74
CA TYR D 78 7.99 -21.14 32.47
C TYR D 78 6.69 -20.87 33.26
N GLY D 79 6.69 -21.25 34.53
CA GLY D 79 5.62 -20.91 35.47
C GLY D 79 4.24 -21.45 35.13
N ASN D 80 4.18 -22.64 34.53
CA ASN D 80 2.95 -23.31 34.11
C ASN D 80 2.19 -22.53 32.99
N ILE D 81 2.92 -21.75 32.22
CA ILE D 81 2.37 -21.15 31.00
C ILE D 81 2.20 -22.31 30.02
N THR D 82 0.97 -22.50 29.55
CA THR D 82 0.64 -23.63 28.67
C THR D 82 0.25 -23.17 27.28
N ASP D 83 0.00 -21.89 27.11
CA ASP D 83 -0.34 -21.32 25.81
C ASP D 83 0.03 -19.85 25.79
N PHE D 84 0.19 -19.30 24.59
CA PHE D 84 0.37 -17.86 24.41
C PHE D 84 -0.08 -17.41 23.02
N ARG D 85 -0.38 -16.13 22.91
CA ARG D 85 -0.71 -15.49 21.63
C ARG D 85 0.46 -14.63 21.17
N THR D 86 0.74 -14.64 19.88
CA THR D 86 1.78 -13.76 19.32
C THR D 86 1.48 -13.37 17.88
N SER D 87 2.11 -12.28 17.45
CA SER D 87 2.04 -11.84 16.06
C SER D 87 2.36 -12.97 15.09
N ALA D 88 1.52 -13.20 14.08
CA ALA D 88 1.79 -14.22 13.08
C ALA D 88 3.11 -14.02 12.33
N ALA D 89 3.59 -12.77 12.31
CA ALA D 89 4.88 -12.45 11.73
C ALA D 89 6.08 -13.01 12.50
N ASP D 90 5.92 -13.32 13.80
CA ASP D 90 7.02 -13.91 14.60
C ASP D 90 7.29 -15.38 14.27
N ILE D 91 6.36 -16.03 13.58
CA ILE D 91 6.46 -17.45 13.25
C ILE D 91 6.28 -17.76 11.74
N TRP D 92 6.71 -18.96 11.36
CA TRP D 92 6.45 -19.50 10.04
C TRP D 92 4.95 -19.79 9.94
N THR D 93 4.40 -19.56 8.76
CA THR D 93 3.01 -19.92 8.45
C THR D 93 2.96 -20.56 7.08
N PRO D 94 2.01 -21.47 6.86
CA PRO D 94 1.93 -22.16 5.59
C PRO D 94 1.44 -21.27 4.40
N ASP D 95 1.81 -21.68 3.20
CA ASP D 95 1.56 -20.93 1.96
C ASP D 95 0.28 -21.36 1.26
N ILE D 96 -0.78 -21.55 2.04
CA ILE D 96 -2.07 -22.02 1.52
C ILE D 96 -2.72 -20.86 0.75
N THR D 97 -3.12 -21.15 -0.48
CA THR D 97 -3.54 -20.19 -1.49
C THR D 97 -4.79 -20.71 -2.23
N ALA D 98 -5.75 -19.82 -2.44
CA ALA D 98 -6.85 -20.04 -3.40
C ALA D 98 -6.29 -20.00 -4.82
N TYR D 99 -6.48 -21.07 -5.57
CA TYR D 99 -5.86 -21.23 -6.89
C TYR D 99 -6.53 -20.46 -8.07
N SER D 100 -7.77 -19.98 -7.88
CA SER D 100 -8.54 -19.30 -8.93
C SER D 100 -9.14 -17.95 -8.46
N SER D 101 -8.42 -17.31 -7.54
CA SER D 101 -8.63 -15.91 -7.20
C SER D 101 -8.44 -15.01 -8.44
N THR D 102 -9.09 -13.86 -8.40
CA THR D 102 -8.98 -12.86 -9.48
C THR D 102 -8.46 -11.51 -8.99
N ARG D 103 -8.26 -11.37 -7.68
CA ARG D 103 -7.76 -10.14 -7.04
C ARG D 103 -6.99 -10.58 -5.78
N PRO D 104 -5.99 -9.79 -5.31
CA PRO D 104 -5.33 -10.17 -4.04
C PRO D 104 -6.37 -10.28 -2.93
N VAL D 105 -6.25 -11.32 -2.12
CA VAL D 105 -7.11 -11.54 -0.97
C VAL D 105 -6.92 -10.38 0.00
N GLN D 106 -8.01 -9.90 0.59
CA GLN D 106 -7.94 -8.78 1.54
C GLN D 106 -8.09 -9.33 2.95
N VAL D 107 -7.26 -8.86 3.88
CA VAL D 107 -7.24 -9.39 5.24
C VAL D 107 -8.15 -8.48 6.09
N LEU D 108 -9.05 -9.08 6.87
CA LEU D 108 -10.01 -8.31 7.66
C LEU D 108 -9.78 -8.38 9.17
N SER D 109 -8.78 -9.13 9.61
CA SER D 109 -8.59 -9.41 11.02
C SER D 109 -7.14 -9.17 11.41
N PRO D 110 -6.89 -8.99 12.71
CA PRO D 110 -5.51 -9.05 13.17
C PRO D 110 -4.84 -10.36 12.73
N GLN D 111 -3.53 -10.30 12.51
CA GLN D 111 -2.78 -11.50 12.14
C GLN D 111 -2.04 -11.93 13.40
N ILE D 112 -2.76 -12.68 14.24
CA ILE D 112 -2.24 -13.15 15.50
C ILE D 112 -2.54 -14.63 15.61
N ALA D 113 -1.55 -15.37 16.10
CA ALA D 113 -1.69 -16.84 16.27
C ALA D 113 -1.68 -17.21 17.75
N VAL D 114 -2.19 -18.41 18.02
CA VAL D 114 -2.23 -18.99 19.35
C VAL D 114 -1.34 -20.22 19.33
N VAL D 115 -0.38 -20.26 20.26
CA VAL D 115 0.57 -21.37 20.34
C VAL D 115 0.39 -22.07 21.69
N THR D 116 0.23 -23.39 21.67
CA THR D 116 0.19 -24.19 22.88
C THR D 116 1.52 -24.92 23.10
N HIS D 117 1.76 -25.33 24.35
CA HIS D 117 3.07 -25.88 24.75
C HIS D 117 3.53 -27.14 23.98
N ASP D 118 2.58 -27.89 23.44
CA ASP D 118 2.90 -29.07 22.62
C ASP D 118 3.39 -28.69 21.21
N GLY D 119 3.55 -27.38 20.96
CA GLY D 119 4.06 -26.86 19.71
C GLY D 119 2.99 -26.63 18.64
N SER D 120 1.72 -26.84 18.97
CA SER D 120 0.69 -26.68 17.95
C SER D 120 0.20 -25.23 17.82
N VAL D 121 -0.06 -24.85 16.58
CA VAL D 121 -0.37 -23.47 16.26
C VAL D 121 -1.75 -23.43 15.63
N MET D 122 -2.50 -22.40 16.00
CA MET D 122 -3.79 -22.10 15.39
C MET D 122 -3.75 -20.63 14.93
N PHE D 123 -4.08 -20.41 13.66
CA PHE D 123 -4.08 -19.09 13.01
C PHE D 123 -5.37 -18.97 12.19
N ILE D 124 -6.13 -17.91 12.41
CA ILE D 124 -7.45 -17.75 11.80
C ILE D 124 -7.56 -16.36 11.15
N PRO D 125 -6.99 -16.19 9.95
CA PRO D 125 -7.20 -14.96 9.16
C PRO D 125 -8.62 -14.84 8.62
N ALA D 126 -9.29 -13.71 8.87
CA ALA D 126 -10.55 -13.39 8.20
C ALA D 126 -10.21 -12.70 6.87
N GLN D 127 -10.92 -13.07 5.81
CA GLN D 127 -10.55 -12.69 4.45
C GLN D 127 -11.74 -12.40 3.53
N ARG D 128 -11.56 -11.44 2.61
CA ARG D 128 -12.45 -11.26 1.45
C ARG D 128 -11.71 -11.71 0.19
N LEU D 129 -12.34 -12.63 -0.55
CA LEU D 129 -11.81 -13.32 -1.70
C LEU D 129 -12.72 -13.11 -2.91
N SER D 130 -12.16 -12.62 -4.01
CA SER D 130 -12.82 -12.59 -5.32
C SER D 130 -12.26 -13.80 -6.10
N PHE D 131 -13.14 -14.64 -6.63
CA PHE D 131 -12.74 -15.81 -7.41
C PHE D 131 -13.65 -16.08 -8.62
N MET D 132 -13.16 -16.95 -9.49
CA MET D 132 -13.79 -17.23 -10.77
C MET D 132 -15.03 -18.09 -10.56
N CYS D 133 -16.17 -17.51 -10.93
CA CYS D 133 -17.47 -18.16 -10.76
C CYS D 133 -18.57 -17.56 -11.63
N ASP D 134 -19.19 -18.42 -12.43
CA ASP D 134 -20.37 -18.07 -13.21
C ASP D 134 -21.63 -18.25 -12.34
N PRO D 135 -22.27 -17.16 -11.93
CA PRO D 135 -23.43 -17.27 -11.04
C PRO D 135 -24.79 -17.56 -11.73
N THR D 136 -24.77 -17.94 -13.01
CA THR D 136 -26.01 -18.30 -13.72
C THR D 136 -26.83 -19.30 -12.92
N GLY D 137 -28.14 -19.03 -12.79
CA GLY D 137 -29.03 -19.87 -12.01
C GLY D 137 -29.21 -19.42 -10.56
N VAL D 138 -28.49 -18.38 -10.15
CA VAL D 138 -28.59 -17.89 -8.78
C VAL D 138 -30.02 -17.36 -8.49
N ASP D 139 -30.70 -16.88 -9.53
CA ASP D 139 -32.06 -16.38 -9.42
C ASP D 139 -33.11 -17.46 -9.76
N SER D 140 -32.83 -18.71 -9.37
CA SER D 140 -33.73 -19.83 -9.60
C SER D 140 -33.72 -20.76 -8.39
N GLU D 141 -34.70 -21.66 -8.33
CA GLU D 141 -34.84 -22.61 -7.22
C GLU D 141 -33.57 -23.44 -7.00
N GLU D 142 -32.96 -23.89 -8.09
CA GLU D 142 -31.77 -24.75 -8.02
C GLU D 142 -30.49 -23.98 -7.64
N GLY D 143 -30.48 -22.66 -7.88
CA GLY D 143 -29.40 -21.80 -7.47
C GLY D 143 -28.18 -21.95 -8.38
N ALA D 144 -27.10 -21.33 -7.95
CA ALA D 144 -25.82 -21.43 -8.64
C ALA D 144 -24.90 -22.34 -7.84
N THR D 145 -23.88 -22.86 -8.51
CA THR D 145 -22.80 -23.63 -7.88
C THR D 145 -21.46 -23.11 -8.31
N CYS D 146 -20.60 -22.81 -7.33
CA CYS D 146 -19.24 -22.42 -7.60
C CYS D 146 -18.28 -23.25 -6.79
N ALA D 147 -17.03 -23.27 -7.23
CA ALA D 147 -15.99 -24.07 -6.57
C ALA D 147 -14.67 -23.36 -6.63
N VAL D 148 -13.89 -23.47 -5.57
CA VAL D 148 -12.52 -22.93 -5.54
C VAL D 148 -11.55 -23.87 -4.77
N LYS D 149 -10.41 -24.15 -5.39
CA LYS D 149 -9.39 -25.01 -4.80
C LYS D 149 -8.34 -24.22 -4.00
N PHE D 150 -8.02 -24.75 -2.82
CA PHE D 150 -6.98 -24.29 -1.95
C PHE D 150 -5.83 -25.31 -1.85
N GLY D 151 -4.61 -24.83 -1.85
CA GLY D 151 -3.46 -25.69 -1.55
C GLY D 151 -2.20 -24.85 -1.40
N SER D 152 -1.11 -25.52 -1.05
CA SER D 152 0.21 -24.91 -1.02
C SER D 152 0.60 -24.45 -2.43
N TRP D 153 1.40 -23.39 -2.48
CA TRP D 153 1.93 -22.88 -3.72
C TRP D 153 3.14 -23.66 -4.19
N VAL D 154 3.96 -24.18 -3.25
CA VAL D 154 5.24 -24.82 -3.61
C VAL D 154 5.49 -26.21 -3.02
N TYR D 155 4.71 -26.65 -2.04
CA TYR D 155 4.93 -27.94 -1.40
C TYR D 155 3.96 -29.04 -1.88
N SER D 156 4.50 -30.22 -2.19
CA SER D 156 3.72 -31.43 -2.46
C SER D 156 3.15 -32.04 -1.18
N GLY D 157 2.36 -33.11 -1.36
CA GLY D 157 1.78 -33.85 -0.24
C GLY D 157 2.81 -34.55 0.63
N PHE D 158 4.02 -34.77 0.12
CA PHE D 158 5.12 -35.34 0.92
C PHE D 158 5.81 -34.31 1.84
N GLU D 159 5.50 -33.03 1.65
CA GLU D 159 6.07 -31.96 2.44
C GLU D 159 5.01 -31.30 3.35
N ILE D 160 3.86 -30.95 2.76
CA ILE D 160 2.69 -30.55 3.51
C ILE D 160 1.53 -31.48 3.16
N ASP D 161 1.13 -32.28 4.15
CA ASP D 161 -0.10 -33.04 4.05
C ASP D 161 -1.28 -32.15 4.48
N LEU D 162 -2.13 -31.83 3.54
CA LEU D 162 -3.26 -30.93 3.74
C LEU D 162 -4.50 -31.75 4.02
N LYS D 163 -5.25 -31.38 5.05
CA LYS D 163 -6.52 -32.03 5.32
C LYS D 163 -7.60 -31.11 5.87
N THR D 164 -8.82 -31.64 5.91
CA THR D 164 -9.94 -31.07 6.66
C THR D 164 -10.35 -32.09 7.75
N ASP D 165 -10.85 -31.60 8.88
CA ASP D 165 -11.37 -32.49 9.92
C ASP D 165 -12.83 -32.88 9.61
N THR D 166 -13.53 -32.01 8.88
CA THR D 166 -14.88 -32.29 8.40
C THR D 166 -15.03 -31.71 6.99
N ASP D 167 -15.87 -32.34 6.17
CA ASP D 167 -16.22 -31.84 4.84
C ASP D 167 -17.38 -30.86 4.84
N GLN D 168 -17.95 -30.61 6.01
CA GLN D 168 -18.98 -29.60 6.17
C GLN D 168 -18.38 -28.24 6.50
N VAL D 169 -18.60 -27.27 5.63
CA VAL D 169 -18.22 -25.90 5.92
C VAL D 169 -19.01 -25.42 7.13
N ASP D 170 -18.36 -24.60 7.97
CA ASP D 170 -19.03 -24.04 9.13
C ASP D 170 -19.92 -22.86 8.70
N LEU D 171 -21.23 -23.08 8.77
CA LEU D 171 -22.23 -22.07 8.39
C LEU D 171 -22.94 -21.46 9.60
N SER D 172 -22.47 -21.77 10.81
CA SER D 172 -23.16 -21.33 12.04
C SER D 172 -23.07 -19.79 12.27
N SER D 173 -22.17 -19.10 11.55
CA SER D 173 -22.04 -17.63 11.62
C SER D 173 -22.43 -16.93 10.29
N TYR D 174 -23.04 -17.64 9.34
CA TYR D 174 -23.41 -17.05 8.03
C TYR D 174 -24.44 -15.94 8.20
N TYR D 175 -24.26 -14.84 7.47
CA TYR D 175 -25.11 -13.65 7.63
C TYR D 175 -26.56 -13.93 7.23
N ALA D 176 -27.44 -13.84 8.22
CA ALA D 176 -28.85 -14.17 8.04
C ALA D 176 -29.56 -13.30 7.01
N SER D 177 -29.13 -12.07 6.84
CA SER D 177 -29.75 -11.17 5.87
C SER D 177 -28.88 -10.94 4.61
N SER D 178 -28.02 -11.90 4.28
CA SER D 178 -27.22 -11.84 3.03
C SER D 178 -28.11 -11.71 1.81
N LYS D 179 -27.56 -11.24 0.69
CA LYS D 179 -28.33 -11.24 -0.57
C LYS D 179 -28.51 -12.66 -1.07
N TYR D 180 -27.63 -13.55 -0.63
CA TYR D 180 -27.63 -14.94 -1.09
C TYR D 180 -27.77 -15.87 0.10
N GLU D 181 -28.68 -16.81 0.01
CA GLU D 181 -28.72 -17.92 0.96
C GLU D 181 -27.91 -19.14 0.49
N ILE D 182 -27.39 -19.89 1.45
CA ILE D 182 -26.52 -21.03 1.19
C ILE D 182 -27.35 -22.30 1.14
N LEU D 183 -27.29 -22.99 0.03
CA LEU D 183 -27.98 -24.27 -0.08
C LEU D 183 -27.07 -25.44 0.34
N SER D 184 -25.78 -25.33 0.09
CA SER D 184 -24.80 -26.29 0.62
C SER D 184 -23.40 -25.71 0.51
N ALA D 185 -22.53 -26.12 1.41
CA ALA D 185 -21.13 -25.74 1.37
C ALA D 185 -20.26 -26.84 1.95
N THR D 186 -19.35 -27.34 1.11
CA THR D 186 -18.49 -28.45 1.45
C THR D 186 -17.00 -28.07 1.24
N GLN D 187 -16.14 -28.70 2.03
CA GLN D 187 -14.70 -28.46 2.00
C GLN D 187 -14.00 -29.84 1.98
N THR D 188 -13.59 -30.30 0.80
CA THR D 188 -13.24 -31.71 0.57
C THR D 188 -11.80 -31.90 0.09
N ARG D 189 -11.02 -32.69 0.83
CA ARG D 189 -9.67 -33.08 0.42
C ARG D 189 -9.74 -33.88 -0.88
N GLN D 190 -8.93 -33.52 -1.85
CA GLN D 190 -8.81 -34.30 -3.09
C GLN D 190 -7.33 -34.54 -3.34
N VAL D 191 -6.98 -35.77 -3.72
CA VAL D 191 -5.61 -36.15 -3.97
C VAL D 191 -5.46 -36.57 -5.44
N GLN D 192 -4.47 -36.02 -6.13
CA GLN D 192 -4.06 -36.57 -7.44
C GLN D 192 -2.62 -37.02 -7.46
N HIS D 193 -2.31 -37.84 -8.47
CA HIS D 193 -0.95 -38.16 -8.84
C HIS D 193 -0.68 -37.82 -10.31
N TYR D 194 0.53 -37.42 -10.61
CA TYR D 194 0.96 -37.21 -11.98
C TYR D 194 1.85 -38.39 -12.36
N SER D 195 1.75 -38.82 -13.61
CA SER D 195 2.38 -40.06 -14.02
C SER D 195 3.90 -39.99 -13.93
N CYS D 196 4.47 -38.79 -14.05
CA CYS D 196 5.92 -38.61 -13.89
C CYS D 196 6.44 -38.98 -12.51
N CYS D 197 5.57 -38.92 -11.52
CA CYS D 197 6.00 -38.61 -10.16
C CYS D 197 5.21 -39.38 -9.10
N PRO D 198 5.89 -39.90 -8.06
CA PRO D 198 5.23 -40.57 -6.91
C PRO D 198 4.49 -39.70 -5.89
N GLU D 199 4.94 -38.47 -5.66
CA GLU D 199 4.31 -37.59 -4.65
C GLU D 199 2.83 -37.37 -4.96
N PRO D 200 1.97 -37.37 -3.92
CA PRO D 200 0.58 -36.91 -4.06
C PRO D 200 0.50 -35.38 -4.08
N TYR D 201 -0.41 -34.83 -4.86
CA TYR D 201 -0.72 -33.40 -4.83
C TYR D 201 -2.16 -33.24 -4.29
N ILE D 202 -2.29 -32.50 -3.20
CA ILE D 202 -3.49 -32.48 -2.36
C ILE D 202 -4.10 -31.09 -2.36
N ASP D 203 -5.40 -31.02 -2.71
CA ASP D 203 -6.17 -29.76 -2.65
C ASP D 203 -7.33 -29.93 -1.67
N VAL D 204 -7.80 -28.82 -1.17
CA VAL D 204 -9.10 -28.73 -0.52
C VAL D 204 -10.01 -27.92 -1.42
N ASN D 205 -11.04 -28.57 -1.93
CA ASN D 205 -12.04 -27.96 -2.81
C ASN D 205 -13.24 -27.44 -2.01
N LEU D 206 -13.40 -26.12 -2.02
CA LEU D 206 -14.55 -25.47 -1.42
C LEU D 206 -15.65 -25.32 -2.50
N VAL D 207 -16.79 -26.01 -2.29
CA VAL D 207 -17.92 -25.97 -3.23
C VAL D 207 -19.14 -25.35 -2.55
N VAL D 208 -19.60 -24.21 -3.05
CA VAL D 208 -20.76 -23.52 -2.49
C VAL D 208 -21.90 -23.50 -3.50
N LYS D 209 -23.07 -23.96 -3.08
CA LYS D 209 -24.30 -23.86 -3.85
C LYS D 209 -25.17 -22.82 -3.15
N PHE D 210 -25.59 -21.79 -3.90
CA PHE D 210 -26.33 -20.64 -3.35
C PHE D 210 -27.38 -20.05 -4.31
N ARG D 211 -28.31 -19.31 -3.74
CA ARG D 211 -29.32 -18.62 -4.53
C ARG D 211 -29.75 -17.30 -3.90
N GLU D 212 -30.37 -16.43 -4.70
CA GLU D 212 -30.83 -15.14 -4.19
C GLU D 212 -31.91 -15.37 -3.13
N ARG D 213 -31.78 -14.65 -2.01
CA ARG D 213 -32.71 -14.79 -0.90
C ARG D 213 -34.09 -14.35 -1.33
N ARG D 214 -35.08 -15.07 -0.81
CA ARG D 214 -36.43 -15.06 -1.38
C ARG D 214 -37.27 -13.89 -0.93
N ASP E 1 14.64 30.54 30.99
CA ASP E 1 13.34 30.33 30.28
C ASP E 1 13.52 29.39 29.10
N ASP E 2 14.50 29.74 28.27
CA ASP E 2 14.92 28.90 27.14
C ASP E 2 15.72 27.72 27.70
N ASP E 3 16.47 28.03 28.76
CA ASP E 3 17.17 27.03 29.56
C ASP E 3 16.14 26.02 30.09
N ASP E 4 15.06 26.56 30.65
CA ASP E 4 13.94 25.77 31.20
C ASP E 4 13.26 24.88 30.15
N LYS E 5 13.16 25.37 28.91
CA LYS E 5 12.53 24.62 27.82
C LYS E 5 13.39 23.44 27.36
N LEU E 6 14.72 23.59 27.48
CA LEU E 6 15.67 22.49 27.24
C LEU E 6 15.46 21.38 28.27
N HIS E 7 15.36 21.76 29.54
CA HIS E 7 15.09 20.82 30.65
C HIS E 7 13.81 20.00 30.40
N SER E 8 12.73 20.68 30.02
CA SER E 8 11.42 20.03 29.78
C SER E 8 11.47 19.11 28.58
N GLN E 9 12.19 19.53 27.54
CA GLN E 9 12.46 18.68 26.38
C GLN E 9 13.23 17.43 26.80
N ALA E 10 14.22 17.63 27.67
CA ALA E 10 15.07 16.54 28.14
C ALA E 10 14.31 15.56 29.02
N ASN E 11 13.49 16.12 29.94
CA ASN E 11 12.67 15.31 30.84
C ASN E 11 11.67 14.41 30.09
N LEU E 12 11.02 14.97 29.07
CA LEU E 12 10.11 14.18 28.20
C LEU E 12 10.84 13.06 27.45
N MET E 13 12.03 13.37 26.92
CA MET E 13 12.83 12.38 26.21
C MET E 13 13.27 11.23 27.12
N ARG E 14 13.68 11.58 28.34
CA ARG E 14 14.07 10.58 29.34
C ARG E 14 12.89 9.66 29.69
N LEU E 15 11.75 10.27 29.99
CA LEU E 15 10.54 9.51 30.29
C LEU E 15 10.23 8.49 29.18
N LYS E 16 10.20 8.95 27.94
CA LYS E 16 9.88 8.06 26.82
C LYS E 16 10.95 6.98 26.65
N SER E 17 12.20 7.39 26.67
CA SER E 17 13.32 6.47 26.61
C SER E 17 13.25 5.42 27.74
N ASP E 18 12.95 5.87 28.97
CA ASP E 18 12.80 4.95 30.12
C ASP E 18 11.67 3.95 29.97
N LEU E 19 10.49 4.43 29.61
CA LEU E 19 9.33 3.57 29.44
C LEU E 19 9.55 2.57 28.30
N PHE E 20 10.06 3.06 27.18
CA PHE E 20 10.10 2.24 25.95
C PHE E 20 11.39 1.46 25.75
N ASN E 21 12.52 2.13 25.90
CA ASN E 21 13.83 1.53 25.59
C ASN E 21 14.43 0.73 26.75
N ARG E 22 14.20 1.18 27.98
CA ARG E 22 14.80 0.52 29.14
C ARG E 22 13.95 -0.63 29.67
N SER E 23 12.82 -0.90 29.03
CA SER E 23 11.85 -1.88 29.52
C SER E 23 11.53 -2.94 28.48
N TYR E 26 6.15 -5.41 26.96
CA TYR E 26 4.82 -5.88 27.37
C TYR E 26 4.28 -6.88 26.36
N PRO E 27 4.08 -8.15 26.77
CA PRO E 27 3.66 -9.21 25.87
C PRO E 27 2.14 -9.43 25.79
N GLY E 28 1.34 -8.43 26.13
CA GLY E 28 -0.11 -8.59 26.14
C GLY E 28 -0.59 -9.30 27.40
N PRO E 29 -1.91 -9.27 27.64
CA PRO E 29 -2.52 -9.81 28.85
C PRO E 29 -2.56 -11.34 28.91
N THR E 30 -2.64 -11.88 30.14
CA THR E 30 -2.83 -13.32 30.38
C THR E 30 -3.96 -13.54 31.39
N LYS E 31 -4.31 -14.80 31.63
CA LYS E 31 -5.26 -15.15 32.70
C LYS E 31 -4.77 -14.60 34.05
N ASP E 32 -3.44 -14.63 34.26
CA ASP E 32 -2.82 -14.23 35.53
C ASP E 32 -2.58 -12.71 35.61
N ASP E 33 -2.33 -12.09 34.47
CA ASP E 33 -2.27 -10.61 34.37
C ASP E 33 -3.31 -10.06 33.34
N PRO E 34 -4.61 -10.02 33.70
CA PRO E 34 -5.74 -9.59 32.84
C PRO E 34 -5.97 -8.07 32.71
N LEU E 35 -6.50 -7.66 31.56
CA LEU E 35 -6.62 -6.24 31.17
C LEU E 35 -8.08 -5.82 30.94
N THR E 36 -8.51 -4.72 31.53
CA THR E 36 -9.81 -4.14 31.19
C THR E 36 -9.63 -3.17 29.99
N VAL E 37 -10.46 -3.33 28.96
CA VAL E 37 -10.49 -2.41 27.82
C VAL E 37 -11.87 -1.78 27.68
N THR E 38 -11.91 -0.45 27.70
CA THR E 38 -13.17 0.29 27.58
C THR E 38 -13.32 0.87 26.15
N LEU E 39 -14.42 0.52 25.49
CA LEU E 39 -14.72 0.90 24.11
C LEU E 39 -15.85 1.89 24.08
N GLY E 40 -15.78 2.84 23.15
CA GLY E 40 -16.89 3.78 22.92
C GLY E 40 -16.86 4.28 21.49
N PHE E 41 -18.02 4.53 20.90
CA PHE E 41 -18.12 5.04 19.54
C PHE E 41 -18.69 6.45 19.44
N THR E 42 -18.07 7.26 18.58
CA THR E 42 -18.61 8.55 18.17
C THR E 42 -18.91 8.41 16.68
N LEU E 43 -20.19 8.26 16.35
CA LEU E 43 -20.61 8.03 14.96
C LEU E 43 -20.71 9.37 14.20
N GLN E 44 -20.01 9.47 13.07
CA GLN E 44 -19.97 10.71 12.29
C GLN E 44 -20.88 10.76 11.07
N ASP E 45 -20.98 9.66 10.35
CA ASP E 45 -21.75 9.61 9.12
C ASP E 45 -22.03 8.17 8.69
N ILE E 46 -23.23 7.95 8.16
CA ILE E 46 -23.50 6.79 7.33
C ILE E 46 -23.35 7.34 5.92
N VAL E 47 -22.28 6.91 5.26
CA VAL E 47 -21.90 7.47 3.99
C VAL E 47 -22.67 6.84 2.86
N LYS E 48 -22.81 5.51 2.91
CA LYS E 48 -23.41 4.75 1.82
C LYS E 48 -24.15 3.53 2.37
N ALA E 49 -25.29 3.21 1.75
CA ALA E 49 -26.03 1.97 1.98
C ALA E 49 -26.29 1.31 0.63
N ASP E 50 -25.68 0.15 0.39
CA ASP E 50 -25.75 -0.54 -0.90
C ASP E 50 -26.65 -1.76 -0.78
N SER E 51 -27.85 -1.66 -1.34
CA SER E 51 -28.84 -2.73 -1.28
C SER E 51 -28.63 -3.84 -2.33
N SER E 52 -27.68 -3.64 -3.24
CA SER E 52 -27.33 -4.69 -4.21
C SER E 52 -26.40 -5.75 -3.58
N THR E 53 -25.63 -5.35 -2.57
CA THR E 53 -24.69 -6.22 -1.87
C THR E 53 -24.94 -6.35 -0.36
N ASN E 54 -25.87 -5.56 0.19
CA ASN E 54 -26.11 -5.50 1.63
C ASN E 54 -24.85 -5.18 2.43
N GLU E 55 -24.22 -4.07 2.03
CA GLU E 55 -23.06 -3.48 2.69
C GLU E 55 -23.43 -2.05 3.02
N VAL E 56 -23.15 -1.60 4.24
CA VAL E 56 -23.29 -0.19 4.64
C VAL E 56 -21.94 0.35 5.11
N ASP E 57 -21.68 1.63 4.87
CA ASP E 57 -20.37 2.23 5.16
C ASP E 57 -20.55 3.31 6.21
N LEU E 58 -19.82 3.17 7.34
CA LEU E 58 -19.84 4.11 8.45
C LEU E 58 -18.50 4.81 8.61
N VAL E 59 -18.57 6.06 9.02
CA VAL E 59 -17.41 6.80 9.49
C VAL E 59 -17.65 7.07 10.97
N TYR E 60 -16.68 6.67 11.80
CA TYR E 60 -16.73 6.89 13.26
C TYR E 60 -15.33 7.02 13.86
N TYR E 61 -15.32 7.55 15.09
CA TYR E 61 -14.12 7.53 15.95
C TYR E 61 -14.29 6.42 16.97
N GLU E 62 -13.26 5.58 17.11
CA GLU E 62 -13.31 4.45 18.05
C GLU E 62 -12.49 4.77 19.31
N GLN E 63 -13.15 5.03 20.42
CA GLN E 63 -12.44 5.35 21.68
C GLN E 63 -12.03 4.05 22.40
N GLN E 64 -10.73 3.77 22.48
CA GLN E 64 -10.21 2.68 23.30
C GLN E 64 -9.42 3.22 24.52
N ARG E 65 -9.71 2.64 25.69
CA ARG E 65 -9.15 3.06 26.98
C ARG E 65 -8.66 1.81 27.76
N TRP E 66 -7.37 1.77 28.09
CA TRP E 66 -6.86 0.75 29.03
C TRP E 66 -5.74 1.32 29.90
N LYS E 67 -5.29 0.54 30.88
CA LYS E 67 -4.35 1.01 31.90
C LYS E 67 -3.32 -0.07 32.19
N LEU E 68 -2.04 0.31 32.14
CA LEU E 68 -0.93 -0.62 32.41
C LEU E 68 0.04 -0.15 33.50
N ASN E 69 0.29 -1.02 34.47
CA ASN E 69 1.38 -0.82 35.45
C ASN E 69 2.71 -0.44 34.83
N SER E 70 3.07 -1.10 33.74
CA SER E 70 4.36 -0.86 33.10
C SER E 70 4.48 0.55 32.51
N LEU E 71 3.37 1.30 32.40
CA LEU E 71 3.41 2.67 31.89
C LEU E 71 3.20 3.75 32.97
N MET E 72 3.31 3.39 34.26
CA MET E 72 3.22 4.37 35.36
C MET E 72 4.54 5.14 35.59
N TRP E 73 4.44 6.37 36.10
CA TRP E 73 5.63 7.11 36.57
C TRP E 73 5.34 8.17 37.70
N ASP E 74 6.40 8.66 38.33
CA ASP E 74 6.26 9.65 39.45
C ASP E 74 6.69 11.04 38.97
N PRO E 75 5.62 11.87 38.64
CA PRO E 75 5.83 13.11 37.84
C PRO E 75 6.95 13.97 38.42
N ASN E 76 7.13 13.90 39.74
CA ASN E 76 8.23 14.57 40.39
C ASN E 76 9.63 14.14 39.94
N GLU E 77 9.76 12.90 39.45
CA GLU E 77 11.02 12.40 38.91
C GLU E 77 11.28 12.83 37.46
N TYR E 78 10.24 13.36 36.79
CA TYR E 78 10.31 13.76 35.39
C TYR E 78 9.73 15.16 35.18
N GLY E 79 10.14 16.08 36.05
CA GLY E 79 9.84 17.50 35.92
C GLY E 79 8.36 17.86 35.92
N ASN E 80 7.56 17.11 36.69
CA ASN E 80 6.12 17.34 36.82
C ASN E 80 5.30 16.97 35.58
N ILE E 81 5.88 16.21 34.65
CA ILE E 81 5.12 15.72 33.48
C ILE E 81 4.04 14.72 33.93
N THR E 82 2.77 15.05 33.61
CA THR E 82 1.64 14.22 34.05
C THR E 82 1.04 13.37 32.90
N ASP E 83 1.43 13.67 31.67
CA ASP E 83 0.92 13.02 30.48
C ASP E 83 1.81 13.28 29.26
N PHE E 84 1.72 12.40 28.27
CA PHE E 84 2.40 12.59 27.00
C PHE E 84 1.72 11.86 25.85
N ARG E 85 2.06 12.28 24.64
CA ARG E 85 1.51 11.68 23.41
C ARG E 85 2.60 10.89 22.69
N THR E 86 2.27 9.75 22.10
CA THR E 86 3.25 8.97 21.35
C THR E 86 2.58 8.17 20.20
N SER E 87 3.35 7.78 19.20
CA SER E 87 2.85 6.94 18.12
C SER E 87 2.31 5.65 18.73
N ALA E 88 1.15 5.20 18.28
CA ALA E 88 0.53 3.96 18.74
C ALA E 88 1.36 2.73 18.38
N ALA E 89 2.26 2.88 17.42
CA ALA E 89 3.34 1.89 17.16
C ALA E 89 4.33 1.73 18.31
N ASP E 90 4.42 2.73 19.19
CA ASP E 90 5.41 2.71 20.28
C ASP E 90 4.95 1.89 21.48
N ILE E 91 3.70 1.43 21.45
CA ILE E 91 3.10 0.75 22.58
C ILE E 91 2.28 -0.43 22.08
N TRP E 92 1.87 -1.26 23.03
CA TRP E 92 0.93 -2.34 22.76
C TRP E 92 -0.45 -1.72 22.65
N THR E 93 -1.25 -2.26 21.73
CA THR E 93 -2.64 -1.89 21.58
C THR E 93 -3.52 -3.16 21.44
N PRO E 94 -4.77 -3.09 21.93
CA PRO E 94 -5.66 -4.25 21.87
C PRO E 94 -6.11 -4.64 20.44
N ASP E 95 -6.41 -5.92 20.25
CA ASP E 95 -6.74 -6.41 18.92
C ASP E 95 -8.23 -6.41 18.71
N ILE E 96 -8.86 -5.27 19.00
CA ILE E 96 -10.31 -5.13 18.87
C ILE E 96 -10.70 -4.98 17.40
N THR E 97 -11.64 -5.85 17.01
CA THR E 97 -11.99 -6.04 15.62
C THR E 97 -13.48 -6.04 15.44
N ALA E 98 -13.96 -5.47 14.33
CA ALA E 98 -15.34 -5.67 13.86
C ALA E 98 -15.47 -7.07 13.24
N TYR E 99 -16.38 -7.88 13.77
CA TYR E 99 -16.48 -9.26 13.35
C TYR E 99 -17.19 -9.45 12.00
N SER E 100 -17.87 -8.43 11.48
CA SER E 100 -18.64 -8.57 10.26
C SER E 100 -18.34 -7.47 9.22
N SER E 101 -17.09 -7.01 9.21
CA SER E 101 -16.60 -6.16 8.14
C SER E 101 -16.52 -6.94 6.81
N THR E 102 -16.68 -6.21 5.71
CA THR E 102 -16.60 -6.81 4.36
C THR E 102 -15.37 -6.32 3.58
N ARG E 103 -14.66 -5.34 4.15
CA ARG E 103 -13.47 -4.78 3.52
C ARG E 103 -12.55 -4.35 4.63
N PRO E 104 -11.23 -4.25 4.37
CA PRO E 104 -10.34 -3.76 5.39
C PRO E 104 -10.76 -2.33 5.83
N VAL E 105 -10.66 -2.07 7.12
CA VAL E 105 -11.03 -0.77 7.69
C VAL E 105 -10.04 0.26 7.17
N GLN E 106 -10.53 1.47 6.91
CA GLN E 106 -9.66 2.54 6.41
C GLN E 106 -9.45 3.56 7.52
N VAL E 107 -8.18 3.92 7.75
CA VAL E 107 -7.77 4.78 8.84
C VAL E 107 -7.79 6.23 8.36
N LEU E 108 -8.53 7.08 9.05
CA LEU E 108 -8.73 8.44 8.62
C LEU E 108 -7.99 9.48 9.47
N SER E 109 -7.27 9.05 10.51
CA SER E 109 -6.60 9.96 11.42
C SER E 109 -5.19 9.45 11.76
N PRO E 110 -4.34 10.33 12.35
CA PRO E 110 -3.05 9.86 12.88
C PRO E 110 -3.29 8.78 13.95
N GLN E 111 -2.31 7.89 14.13
CA GLN E 111 -2.41 6.80 15.09
C GLN E 111 -1.47 7.14 16.22
N ILE E 112 -2.00 7.96 17.16
CA ILE E 112 -1.29 8.54 18.29
C ILE E 112 -2.12 8.35 19.53
N ALA E 113 -1.47 7.83 20.58
CA ALA E 113 -2.08 7.59 21.88
C ALA E 113 -1.65 8.65 22.91
N VAL E 114 -2.56 8.89 23.87
CA VAL E 114 -2.31 9.74 25.02
C VAL E 114 -2.08 8.82 26.22
N VAL E 115 -0.94 9.00 26.89
CA VAL E 115 -0.61 8.25 28.11
C VAL E 115 -0.53 9.19 29.32
N THR E 116 -1.22 8.78 30.40
CA THR E 116 -1.24 9.49 31.70
C THR E 116 -0.35 8.76 32.71
N HIS E 117 0.15 9.50 33.72
CA HIS E 117 1.14 8.99 34.70
C HIS E 117 0.71 7.81 35.58
N ASP E 118 -0.59 7.58 35.70
CA ASP E 118 -1.10 6.36 36.32
C ASP E 118 -1.05 5.12 35.40
N GLY E 119 -0.43 5.24 34.23
CA GLY E 119 -0.39 4.14 33.26
C GLY E 119 -1.62 4.01 32.36
N SER E 120 -2.54 4.96 32.46
CA SER E 120 -3.73 5.04 31.59
C SER E 120 -3.37 5.39 30.14
N VAL E 121 -3.90 4.62 29.19
CA VAL E 121 -3.78 4.89 27.76
C VAL E 121 -5.13 5.16 27.11
N MET E 122 -5.18 6.18 26.26
CA MET E 122 -6.34 6.52 25.46
C MET E 122 -5.95 6.65 23.97
N PHE E 123 -6.69 5.93 23.11
CA PHE E 123 -6.39 5.82 21.67
C PHE E 123 -7.72 5.97 20.91
N ILE E 124 -7.78 6.92 19.98
CA ILE E 124 -9.03 7.21 19.23
C ILE E 124 -8.82 7.22 17.70
N PRO E 125 -8.70 6.04 17.10
CA PRO E 125 -8.64 6.02 15.62
C PRO E 125 -9.98 6.41 14.95
N ALA E 126 -9.94 7.35 14.00
CA ALA E 126 -11.05 7.55 13.06
C ALA E 126 -10.96 6.53 11.92
N GLN E 127 -12.12 5.97 11.56
CA GLN E 127 -12.17 4.87 10.63
C GLN E 127 -13.39 4.94 9.73
N ARG E 128 -13.22 4.48 8.50
CA ARG E 128 -14.32 4.12 7.63
C ARG E 128 -14.42 2.58 7.54
N LEU E 129 -15.60 2.07 7.86
CA LEU E 129 -15.89 0.63 7.88
C LEU E 129 -17.04 0.26 6.93
N SER E 130 -16.82 -0.74 6.05
CA SER E 130 -17.92 -1.41 5.33
C SER E 130 -18.28 -2.70 6.07
N PHE E 131 -19.56 -2.88 6.40
CA PHE E 131 -20.01 -4.08 7.12
C PHE E 131 -21.33 -4.64 6.58
N MET E 132 -21.58 -5.91 6.91
CA MET E 132 -22.79 -6.63 6.46
C MET E 132 -24.04 -5.98 7.03
N CYS E 133 -24.92 -5.52 6.16
CA CYS E 133 -26.12 -4.78 6.56
C CYS E 133 -27.13 -4.75 5.42
N ASP E 134 -28.33 -5.27 5.67
CA ASP E 134 -29.46 -5.15 4.75
C ASP E 134 -30.19 -3.83 5.02
N PRO E 135 -30.13 -2.86 4.08
CA PRO E 135 -30.79 -1.56 4.29
C PRO E 135 -32.30 -1.53 4.00
N THR E 136 -32.91 -2.71 3.87
CA THR E 136 -34.37 -2.79 3.71
C THR E 136 -35.08 -2.02 4.82
N GLY E 137 -35.95 -1.10 4.42
CA GLY E 137 -36.66 -0.21 5.34
C GLY E 137 -36.11 1.20 5.42
N VAL E 138 -34.92 1.43 4.89
CA VAL E 138 -34.28 2.74 5.05
C VAL E 138 -35.15 3.87 4.44
N ASP E 139 -35.86 3.57 3.35
CA ASP E 139 -36.79 4.53 2.73
C ASP E 139 -38.20 4.53 3.33
N SER E 140 -38.35 4.04 4.57
CA SER E 140 -39.63 4.08 5.30
C SER E 140 -39.47 4.76 6.66
N GLU E 141 -40.59 5.02 7.33
CA GLU E 141 -40.59 5.73 8.63
C GLU E 141 -39.98 4.91 9.78
N GLU E 142 -40.09 3.60 9.72
CA GLU E 142 -39.42 2.74 10.70
C GLU E 142 -37.91 2.68 10.47
N GLY E 143 -37.48 2.89 9.22
CA GLY E 143 -36.07 2.88 8.88
C GLY E 143 -35.53 1.46 8.84
N ALA E 144 -34.21 1.33 8.70
CA ALA E 144 -33.56 0.02 8.75
C ALA E 144 -32.81 -0.16 10.07
N THR E 145 -32.58 -1.40 10.45
CA THR E 145 -31.74 -1.68 11.61
C THR E 145 -30.58 -2.55 11.17
N CYS E 146 -29.37 -2.14 11.56
CA CYS E 146 -28.17 -2.92 11.36
C CYS E 146 -27.33 -3.02 12.62
N ALA E 147 -26.49 -4.06 12.68
CA ALA E 147 -25.68 -4.32 13.87
C ALA E 147 -24.31 -4.89 13.51
N VAL E 148 -23.28 -4.48 14.25
CA VAL E 148 -21.94 -5.02 14.06
C VAL E 148 -21.31 -5.25 15.42
N LYS E 149 -20.79 -6.46 15.61
CA LYS E 149 -20.14 -6.85 16.84
C LYS E 149 -18.66 -6.53 16.80
N PHE E 150 -18.17 -6.03 17.92
CA PHE E 150 -16.76 -5.81 18.13
C PHE E 150 -16.26 -6.67 19.26
N GLY E 151 -15.03 -7.13 19.14
CA GLY E 151 -14.38 -7.84 20.23
C GLY E 151 -12.96 -8.20 19.85
N SER E 152 -12.24 -8.73 20.81
CA SER E 152 -10.89 -9.20 20.60
C SER E 152 -10.88 -10.34 19.60
N TRP E 153 -9.77 -10.47 18.85
CA TRP E 153 -9.63 -11.60 17.92
C TRP E 153 -9.15 -12.88 18.59
N VAL E 154 -8.31 -12.76 19.63
CA VAL E 154 -7.67 -13.92 20.23
C VAL E 154 -7.76 -14.03 21.75
N TYR E 155 -8.25 -12.99 22.43
CA TYR E 155 -8.34 -13.05 23.92
C TYR E 155 -9.76 -13.25 24.43
N SER E 156 -9.95 -14.20 25.35
CA SER E 156 -11.24 -14.36 26.05
C SER E 156 -11.47 -13.22 27.04
N GLY E 157 -12.65 -13.23 27.68
CA GLY E 157 -12.99 -12.30 28.74
C GLY E 157 -12.14 -12.42 29.98
N PHE E 158 -11.44 -13.54 30.15
CA PHE E 158 -10.47 -13.68 31.25
C PHE E 158 -9.12 -13.03 30.94
N GLU E 159 -8.91 -12.63 29.69
CA GLU E 159 -7.68 -12.00 29.27
C GLU E 159 -7.91 -10.53 28.96
N ILE E 160 -8.91 -10.27 28.12
CA ILE E 160 -9.40 -8.91 27.89
C ILE E 160 -10.87 -8.76 28.32
N ASP E 161 -11.10 -8.07 29.43
CA ASP E 161 -12.44 -7.73 29.92
C ASP E 161 -12.87 -6.47 29.19
N LEU E 162 -13.79 -6.63 28.25
CA LEU E 162 -14.19 -5.57 27.34
C LEU E 162 -15.44 -4.96 27.91
N LYS E 163 -15.47 -3.65 28.06
CA LYS E 163 -16.66 -2.96 28.55
C LYS E 163 -16.93 -1.58 27.90
N THR E 164 -18.02 -0.94 28.30
CA THR E 164 -18.35 0.43 27.88
C THR E 164 -18.72 1.24 29.15
N ASP E 165 -18.67 2.58 29.07
CA ASP E 165 -19.22 3.45 30.15
C ASP E 165 -20.69 3.80 29.92
N THR E 166 -21.16 3.67 28.67
CA THR E 166 -22.59 3.85 28.39
C THR E 166 -23.01 3.06 27.16
N ASP E 167 -24.31 2.82 27.04
CA ASP E 167 -24.85 2.10 25.89
C ASP E 167 -25.48 3.03 24.85
N GLN E 168 -25.43 4.34 25.10
CA GLN E 168 -25.77 5.33 24.07
C GLN E 168 -24.50 5.66 23.28
N VAL E 169 -24.56 5.45 21.97
CA VAL E 169 -23.53 5.94 21.08
C VAL E 169 -23.55 7.48 21.09
N ASP E 170 -22.36 8.07 21.00
CA ASP E 170 -22.18 9.52 20.89
C ASP E 170 -22.56 10.03 19.49
N LEU E 171 -23.71 10.72 19.41
CA LEU E 171 -24.24 11.28 18.16
C LEU E 171 -24.05 12.80 18.05
N SER E 172 -23.34 13.38 19.01
CA SER E 172 -23.23 14.83 19.09
C SER E 172 -22.46 15.41 17.91
N SER E 173 -21.62 14.60 17.28
CA SER E 173 -20.85 15.02 16.09
C SER E 173 -21.38 14.46 14.76
N TYR E 174 -22.58 13.86 14.77
CA TYR E 174 -23.15 13.27 13.56
C TYR E 174 -23.43 14.34 12.50
N TYR E 175 -22.96 14.09 11.27
CA TYR E 175 -23.06 15.05 10.18
C TYR E 175 -24.53 15.41 9.92
N ALA E 176 -24.84 16.69 10.14
CA ALA E 176 -26.21 17.18 10.06
C ALA E 176 -26.84 17.06 8.67
N SER E 177 -26.04 16.97 7.60
CA SER E 177 -26.59 16.88 6.24
C SER E 177 -26.24 15.56 5.56
N SER E 178 -26.04 14.51 6.35
CA SER E 178 -25.94 13.13 5.85
C SER E 178 -27.15 12.77 5.03
N LYS E 179 -27.00 11.85 4.11
CA LYS E 179 -28.15 11.28 3.39
C LYS E 179 -29.03 10.48 4.33
N TYR E 180 -28.47 10.05 5.47
CA TYR E 180 -29.22 9.24 6.46
C TYR E 180 -29.32 9.87 7.84
N GLU E 181 -30.52 9.86 8.41
CA GLU E 181 -30.68 10.28 9.79
C GLU E 181 -30.73 9.10 10.77
N ILE E 182 -30.24 9.35 11.98
CA ILE E 182 -30.08 8.33 12.99
C ILE E 182 -31.28 8.37 13.95
N LEU E 183 -32.01 7.25 13.98
CA LEU E 183 -33.13 7.08 14.89
C LEU E 183 -32.61 6.61 16.24
N SER E 184 -31.74 5.61 16.23
CA SER E 184 -30.97 5.28 17.43
C SER E 184 -29.67 4.56 17.14
N ALA E 185 -28.78 4.58 18.13
CA ALA E 185 -27.51 3.90 18.06
C ALA E 185 -27.08 3.53 19.47
N THR E 186 -26.93 2.22 19.73
CA THR E 186 -26.48 1.69 21.02
C THR E 186 -25.17 0.88 20.93
N GLN E 187 -24.44 0.81 22.05
CA GLN E 187 -23.17 0.10 22.18
C GLN E 187 -23.12 -0.73 23.49
N THR E 188 -23.48 -2.00 23.35
CA THR E 188 -23.90 -2.84 24.46
C THR E 188 -23.02 -4.08 24.64
N ARG E 189 -22.52 -4.24 25.86
CA ARG E 189 -21.68 -5.37 26.22
C ARG E 189 -22.51 -6.63 26.34
N GLN E 190 -22.14 -7.67 25.59
CA GLN E 190 -22.83 -8.97 25.65
C GLN E 190 -21.83 -10.07 26.04
N VAL E 191 -22.20 -10.86 27.06
CA VAL E 191 -21.40 -11.99 27.49
C VAL E 191 -22.11 -13.30 27.15
N GLN E 192 -21.37 -14.24 26.58
CA GLN E 192 -21.84 -15.62 26.45
C GLN E 192 -20.78 -16.61 26.94
N HIS E 193 -21.25 -17.80 27.31
CA HIS E 193 -20.38 -18.88 27.72
C HIS E 193 -20.64 -20.07 26.80
N TYR E 194 -19.59 -20.80 26.47
CA TYR E 194 -19.76 -22.09 25.81
C TYR E 194 -19.70 -23.12 26.90
N SER E 195 -20.46 -24.19 26.75
CA SER E 195 -20.62 -25.16 27.84
C SER E 195 -19.33 -25.92 28.23
N CYS E 196 -18.36 -26.00 27.32
CA CYS E 196 -17.08 -26.65 27.60
C CYS E 196 -16.24 -25.90 28.62
N CYS E 197 -16.45 -24.60 28.71
CA CYS E 197 -15.38 -23.64 29.05
C CYS E 197 -15.86 -22.58 30.03
N PRO E 198 -15.14 -22.38 31.17
CA PRO E 198 -15.51 -21.39 32.18
C PRO E 198 -15.39 -19.95 31.75
N GLU E 199 -14.46 -19.65 30.85
CA GLU E 199 -14.17 -18.27 30.50
C GLU E 199 -15.33 -17.62 29.72
N PRO E 200 -15.63 -16.36 30.02
CA PRO E 200 -16.65 -15.63 29.27
C PRO E 200 -16.14 -15.11 27.94
N TYR E 201 -17.05 -14.92 27.00
CA TYR E 201 -16.74 -14.39 25.68
C TYR E 201 -17.61 -13.15 25.44
N ILE E 202 -16.92 -12.01 25.38
CA ILE E 202 -17.53 -10.67 25.52
C ILE E 202 -17.43 -9.88 24.23
N ASP E 203 -18.59 -9.46 23.72
CA ASP E 203 -18.65 -8.62 22.54
C ASP E 203 -19.29 -7.30 22.93
N VAL E 204 -18.97 -6.25 22.17
CA VAL E 204 -19.75 -5.02 22.17
C VAL E 204 -20.48 -4.95 20.86
N ASN E 205 -21.81 -4.93 20.94
CA ASN E 205 -22.66 -4.85 19.77
C ASN E 205 -23.05 -3.41 19.50
N LEU E 206 -22.58 -2.87 18.38
CA LEU E 206 -22.99 -1.55 17.92
C LEU E 206 -24.25 -1.75 17.07
N VAL E 207 -25.40 -1.25 17.55
CA VAL E 207 -26.67 -1.39 16.84
C VAL E 207 -27.16 -0.02 16.38
N VAL E 208 -27.44 0.12 15.08
CA VAL E 208 -27.80 1.38 14.46
C VAL E 208 -29.13 1.28 13.71
N LYS E 209 -30.11 2.09 14.13
CA LYS E 209 -31.38 2.28 13.43
C LYS E 209 -31.39 3.64 12.70
N PHE E 210 -31.71 3.62 11.41
CA PHE E 210 -31.50 4.75 10.53
C PHE E 210 -32.45 4.77 9.33
N ARG E 211 -32.70 5.95 8.79
CA ARG E 211 -33.55 6.11 7.60
C ARG E 211 -33.07 7.25 6.72
N GLU E 212 -33.53 7.28 5.47
CA GLU E 212 -33.20 8.36 4.56
C GLU E 212 -33.77 9.69 5.05
N ARG E 213 -32.93 10.71 5.05
CA ARG E 213 -33.30 12.06 5.42
C ARG E 213 -34.25 12.61 4.35
N ARG E 214 -35.32 13.28 4.78
CA ARG E 214 -36.32 13.76 3.85
C ARG E 214 -36.44 15.29 3.93
N GLY F 1 -19.30 17.91 22.94
CA GLY F 1 -18.39 18.48 23.96
C GLY F 1 -17.05 17.80 23.97
N CYS F 2 -16.34 18.00 25.06
CA CYS F 2 -14.99 17.51 25.25
C CYS F 2 -14.83 16.04 24.92
N CYS F 3 -15.72 15.22 25.47
CA CYS F 3 -15.62 13.76 25.37
C CYS F 3 -15.84 13.22 23.94
N SER F 4 -16.29 14.08 23.01
CA SER F 4 -16.32 13.78 21.58
C SER F 4 -15.07 14.21 20.80
N ASP F 5 -14.29 15.11 21.38
CA ASP F 5 -13.12 15.70 20.74
C ASP F 5 -11.87 14.90 21.07
N PRO F 6 -11.18 14.37 20.04
CA PRO F 6 -10.01 13.53 20.28
C PRO F 6 -8.84 14.21 21.00
N ARG F 7 -8.75 15.53 20.93
CA ARG F 7 -7.74 16.30 21.68
C ARG F 7 -8.05 16.41 23.20
N CYS F 8 -9.32 16.25 23.56
CA CYS F 8 -9.83 16.48 24.91
C CYS F 8 -10.25 15.20 25.64
N ALA F 9 -10.84 14.25 24.90
CA ALA F 9 -11.56 13.12 25.47
C ALA F 9 -10.79 12.35 26.53
N TRP F 10 -9.48 12.31 26.43
CA TRP F 10 -8.63 11.65 27.44
C TRP F 10 -8.76 12.21 28.86
N ARG F 11 -9.37 13.38 29.00
CA ARG F 11 -9.64 14.00 30.30
C ARG F 11 -10.92 13.47 30.96
N GLY G 1 2.59 33.19 -8.46
CA GLY G 1 3.65 33.98 -7.78
C GLY G 1 4.49 33.12 -6.86
N CYS G 2 5.49 33.74 -6.24
CA CYS G 2 6.44 32.99 -5.43
C CYS G 2 5.76 32.25 -4.28
N CYS G 3 4.81 32.90 -3.63
CA CYS G 3 4.17 32.34 -2.43
C CYS G 3 3.24 31.17 -2.68
N SER G 4 2.85 30.97 -3.95
CA SER G 4 2.05 29.82 -4.36
C SER G 4 2.87 28.68 -4.91
N ASP G 5 4.14 28.96 -5.21
CA ASP G 5 5.07 28.02 -5.85
C ASP G 5 5.84 27.27 -4.77
N PRO G 6 5.69 25.94 -4.72
CA PRO G 6 6.31 25.20 -3.62
C PRO G 6 7.85 25.24 -3.59
N ARG G 7 8.47 25.60 -4.73
CA ARG G 7 9.92 25.73 -4.78
C ARG G 7 10.37 27.08 -4.18
N CYS G 8 9.46 28.04 -4.08
CA CYS G 8 9.79 29.41 -3.65
C CYS G 8 9.11 29.85 -2.34
N ALA G 9 7.96 29.25 -2.01
CA ALA G 9 7.11 29.77 -0.94
C ALA G 9 7.80 29.86 0.45
N TRP G 10 8.77 28.99 0.70
CA TRP G 10 9.58 29.00 1.92
C TRP G 10 10.25 30.36 2.18
N ARG G 11 10.36 31.20 1.15
CA ARG G 11 10.98 32.53 1.26
C ARG G 11 10.03 33.55 1.85
N GLY H 1 12.90 2.49 -31.55
CA GLY H 1 14.37 2.80 -31.73
C GLY H 1 15.02 2.67 -30.37
N CYS H 2 16.34 2.64 -30.34
CA CYS H 2 17.07 2.51 -29.09
C CYS H 2 16.59 3.53 -28.05
N CYS H 3 16.40 4.78 -28.49
CA CYS H 3 16.16 5.88 -27.55
C CYS H 3 14.74 5.88 -26.97
N SER H 4 13.85 5.03 -27.52
CA SER H 4 12.53 4.75 -26.97
C SER H 4 12.49 3.50 -26.05
N ASP H 5 13.54 2.68 -26.12
CA ASP H 5 13.57 1.35 -25.49
C ASP H 5 14.28 1.52 -24.17
N PRO H 6 13.62 1.19 -23.05
CA PRO H 6 14.21 1.38 -21.73
C PRO H 6 15.50 0.59 -21.48
N ARG H 7 15.65 -0.52 -22.18
CA ARG H 7 16.86 -1.36 -22.11
C ARG H 7 18.09 -0.75 -22.80
N CYS H 8 17.85 0.19 -23.70
CA CYS H 8 18.88 0.77 -24.58
C CYS H 8 19.08 2.30 -24.39
N ALA H 9 18.03 3.01 -23.99
CA ALA H 9 18.01 4.48 -24.07
C ALA H 9 19.14 5.17 -23.30
N TRP H 10 19.65 4.51 -22.25
CA TRP H 10 20.83 5.03 -21.51
C TRP H 10 22.10 5.21 -22.39
N ARG H 11 22.13 4.60 -23.58
CA ARG H 11 23.27 4.68 -24.49
C ARG H 11 23.17 5.94 -25.34
N GLY I 1 -1.77 -31.19 -15.16
CA GLY I 1 -0.53 -32.01 -15.13
C GLY I 1 0.53 -31.41 -14.24
N CYS I 2 1.62 -32.16 -14.05
CA CYS I 2 2.73 -31.68 -13.26
C CYS I 2 3.18 -30.30 -13.72
N CYS I 3 3.24 -30.10 -15.04
CA CYS I 3 3.88 -28.92 -15.58
C CYS I 3 3.02 -27.64 -15.49
N SER I 4 1.73 -27.78 -15.19
CA SER I 4 0.83 -26.64 -14.92
C SER I 4 0.67 -26.35 -13.43
N ASP I 5 1.12 -27.30 -12.61
CA ASP I 5 0.91 -27.28 -11.18
C ASP I 5 2.11 -26.59 -10.56
N PRO I 6 1.91 -25.44 -9.89
CA PRO I 6 3.03 -24.69 -9.33
C PRO I 6 3.86 -25.44 -8.29
N ARG I 7 3.30 -26.49 -7.70
CA ARG I 7 3.99 -27.31 -6.69
C ARG I 7 4.93 -28.35 -7.32
N CYS I 8 4.68 -28.62 -8.61
CA CYS I 8 5.32 -29.69 -9.35
C CYS I 8 6.22 -29.21 -10.51
N ALA I 9 5.83 -28.10 -11.15
CA ALA I 9 6.41 -27.65 -12.42
C ALA I 9 7.94 -27.46 -12.40
N TRP I 10 8.51 -27.23 -11.22
CA TRP I 10 9.95 -27.19 -11.07
C TRP I 10 10.69 -28.47 -11.52
N ARG I 11 9.98 -29.61 -11.56
CA ARG I 11 10.58 -30.87 -11.96
C ARG I 11 10.56 -31.04 -13.48
N GLY J 1 -20.55 -21.65 18.61
CA GLY J 1 -19.83 -22.43 19.66
C GLY J 1 -18.38 -22.05 19.69
N CYS J 2 -17.66 -22.65 20.64
CA CYS J 2 -16.25 -22.38 20.85
C CYS J 2 -15.44 -22.53 19.56
N CYS J 3 -15.75 -23.54 18.74
CA CYS J 3 -14.93 -23.87 17.56
C CYS J 3 -15.15 -22.94 16.37
N SER J 4 -16.21 -22.14 16.41
CA SER J 4 -16.44 -21.05 15.47
C SER J 4 -15.90 -19.69 15.97
N ASP J 5 -15.57 -19.60 17.25
CA ASP J 5 -15.12 -18.35 17.87
C ASP J 5 -13.60 -18.27 17.82
N PRO J 6 -13.05 -17.24 17.14
CA PRO J 6 -11.61 -17.08 17.02
C PRO J 6 -10.87 -16.94 18.35
N ARG J 7 -11.53 -16.47 19.41
CA ARG J 7 -10.91 -16.42 20.72
C ARG J 7 -10.93 -17.78 21.45
N CYS J 8 -11.80 -18.69 21.00
CA CYS J 8 -11.94 -19.98 21.66
C CYS J 8 -11.37 -21.18 20.86
N ALA J 9 -11.37 -21.09 19.54
CA ALA J 9 -11.14 -22.27 18.68
C ALA J 9 -9.77 -22.97 18.85
N TRP J 10 -8.78 -22.28 19.41
CA TRP J 10 -7.52 -22.93 19.71
C TRP J 10 -7.71 -24.15 20.63
N ARG J 11 -8.82 -24.17 21.38
CA ARG J 11 -9.16 -25.25 22.29
C ARG J 11 -9.58 -26.48 21.53
#